data_1R44
#
_entry.id   1R44
#
_cell.length_a   82.597
_cell.length_b   44.694
_cell.length_c   169.428
_cell.angle_alpha   90.00
_cell.angle_beta   103.76
_cell.angle_gamma   90.00
#
_symmetry.space_group_name_H-M   'P 1 21 1'
#
loop_
_entity.id
_entity.type
_entity.pdbx_description
1 polymer 'D-alanyl-D-alanine dipeptidase'
2 non-polymer 'ZINC ION'
3 water water
#
_entity_poly.entity_id   1
_entity_poly.type   'polypeptide(L)'
_entity_poly.pdbx_seq_one_letter_code
;MEIGFTFLDEIVHGVRWDAKYATWDNFTGKPVDGYEVNRIVGTYELAESLLKAKELAATQGYGLLLWDGYRPKRAVNCFM
QWAAQPENNLTKESYYPNIDRTEMISKGYVASKSSHSRGSAIDLTLYRLDTGELVPMGSRFDFMDERSHHAANGISCNEA
QNRRRLRSIMENSGFEAYSLEWWHYVLRDEPYPNSYFDFPVK
;
_entity_poly.pdbx_strand_id   A,B,C,D,E,F
#
loop_
_chem_comp.id
_chem_comp.type
_chem_comp.name
_chem_comp.formula
ZN non-polymer 'ZINC ION' 'Zn 2'
#
# COMPACT_ATOMS: atom_id res chain seq x y z
N MET A 1 18.37 -82.01 -5.86
CA MET A 1 17.87 -80.71 -5.43
C MET A 1 18.19 -79.63 -6.45
N GLU A 2 17.16 -78.87 -6.82
CA GLU A 2 17.31 -77.75 -7.73
C GLU A 2 18.38 -76.77 -7.33
N ILE A 3 18.94 -76.10 -8.33
CA ILE A 3 19.98 -75.14 -8.08
C ILE A 3 19.47 -73.80 -7.53
N GLY A 4 20.19 -73.30 -6.54
CA GLY A 4 19.85 -72.11 -5.77
C GLY A 4 18.93 -72.42 -4.57
N PHE A 5 18.40 -73.64 -4.53
CA PHE A 5 17.56 -74.07 -3.44
C PHE A 5 18.25 -75.06 -2.52
N THR A 6 17.66 -75.23 -1.34
CA THR A 6 18.22 -76.10 -0.32
C THR A 6 17.09 -76.51 0.62
N PHE A 7 17.35 -77.60 1.34
CA PHE A 7 16.50 -78.03 2.45
C PHE A 7 16.88 -77.07 3.55
N LEU A 8 15.93 -76.28 4.05
CA LEU A 8 16.25 -75.23 5.00
C LEU A 8 16.93 -75.65 6.28
N ASP A 9 16.66 -76.87 6.72
CA ASP A 9 17.30 -77.40 7.91
C ASP A 9 18.80 -77.65 7.73
N GLU A 10 19.27 -77.83 6.51
CA GLU A 10 20.68 -78.00 6.25
C GLU A 10 21.45 -76.70 6.36
N ILE A 11 20.76 -75.56 6.44
CA ILE A 11 21.42 -74.27 6.64
C ILE A 11 21.04 -73.79 8.03
N VAL A 12 19.77 -73.91 8.41
CA VAL A 12 19.27 -73.38 9.65
C VAL A 12 19.21 -74.60 10.52
N HIS A 13 20.26 -74.92 11.25
CA HIS A 13 20.38 -76.21 11.89
C HIS A 13 19.51 -76.70 13.04
N GLY A 14 19.24 -76.03 14.15
CA GLY A 14 18.36 -76.55 15.21
C GLY A 14 16.90 -76.25 14.94
N VAL A 15 16.56 -75.86 13.71
CA VAL A 15 15.23 -75.42 13.40
C VAL A 15 14.24 -76.57 13.43
N ARG A 16 13.08 -76.28 14.00
CA ARG A 16 12.00 -77.24 14.04
C ARG A 16 11.16 -77.15 12.79
N TRP A 17 10.66 -78.26 12.25
CA TRP A 17 9.80 -78.20 11.11
C TRP A 17 8.81 -79.35 11.07
N ASP A 18 7.80 -79.08 10.26
CA ASP A 18 6.70 -79.95 10.09
C ASP A 18 6.10 -79.51 8.78
N ALA A 19 6.57 -80.15 7.71
CA ALA A 19 6.07 -79.88 6.37
C ALA A 19 4.67 -80.43 6.21
N LYS A 20 3.82 -79.49 6.60
CA LYS A 20 2.38 -79.73 6.65
C LYS A 20 1.78 -80.29 5.40
N TYR A 21 2.32 -79.88 4.26
CA TYR A 21 1.80 -80.32 2.97
C TYR A 21 2.43 -81.62 2.48
N ALA A 22 3.43 -82.13 3.18
CA ALA A 22 3.96 -83.48 2.90
C ALA A 22 3.35 -84.54 3.84
N THR A 23 2.25 -84.07 4.45
CA THR A 23 1.65 -84.73 5.60
C THR A 23 0.16 -84.76 5.36
N TRP A 24 -0.62 -85.55 6.10
CA TRP A 24 -2.09 -85.53 5.98
C TRP A 24 -2.72 -84.43 6.82
N ASP A 25 -1.92 -83.76 7.66
CA ASP A 25 -2.43 -82.75 8.53
C ASP A 25 -2.40 -81.35 7.92
N ASN A 26 -3.13 -81.18 6.84
CA ASN A 26 -3.31 -79.90 6.21
C ASN A 26 -4.76 -79.80 5.78
N PHE A 27 -5.20 -78.65 5.26
CA PHE A 27 -6.60 -78.48 4.94
C PHE A 27 -7.12 -79.34 3.81
N THR A 28 -6.29 -79.96 2.97
CA THR A 28 -6.78 -80.85 1.92
C THR A 28 -6.99 -82.26 2.46
N GLY A 29 -6.39 -82.51 3.62
CA GLY A 29 -6.50 -83.76 4.34
C GLY A 29 -5.56 -84.86 3.90
N LYS A 30 -4.84 -84.64 2.80
CA LYS A 30 -3.89 -85.62 2.27
C LYS A 30 -2.60 -84.82 2.04
N PRO A 31 -1.48 -85.50 1.70
CA PRO A 31 -0.27 -84.84 1.19
C PRO A 31 -0.57 -84.14 -0.10
N VAL A 32 0.07 -82.99 -0.28
CA VAL A 32 -0.17 -82.13 -1.45
C VAL A 32 0.80 -82.52 -2.57
N ASP A 33 0.29 -82.47 -3.79
CA ASP A 33 1.07 -82.84 -4.95
C ASP A 33 2.28 -81.95 -5.07
N GLY A 34 3.45 -82.57 -5.22
CA GLY A 34 4.73 -81.88 -5.33
C GLY A 34 5.55 -81.95 -4.04
N TYR A 35 4.92 -82.39 -2.96
CA TYR A 35 5.60 -82.54 -1.69
C TYR A 35 5.80 -84.01 -1.49
N GLU A 36 7.00 -84.48 -1.81
CA GLU A 36 7.33 -85.87 -1.71
C GLU A 36 8.19 -86.15 -0.52
N VAL A 37 8.61 -85.09 0.15
CA VAL A 37 9.51 -85.21 1.26
C VAL A 37 9.01 -84.37 2.44
N ASN A 38 9.09 -84.86 3.69
CA ASN A 38 8.69 -84.06 4.83
C ASN A 38 9.85 -83.17 5.21
N ARG A 39 10.12 -82.21 4.33
CA ARG A 39 11.17 -81.22 4.58
C ARG A 39 10.73 -79.88 4.07
N ILE A 40 11.40 -78.83 4.54
CA ILE A 40 11.10 -77.47 4.12
C ILE A 40 12.23 -77.11 3.18
N VAL A 41 11.82 -76.83 1.95
CA VAL A 41 12.77 -76.46 0.92
C VAL A 41 12.66 -74.97 0.75
N GLY A 42 13.76 -74.34 0.37
CA GLY A 42 13.84 -72.91 0.19
C GLY A 42 15.03 -72.46 -0.55
N THR A 43 14.94 -71.21 -0.97
CA THR A 43 15.98 -70.52 -1.64
C THR A 43 17.18 -70.35 -0.68
N TYR A 44 18.46 -70.40 -1.06
CA TYR A 44 19.54 -70.13 -0.14
C TYR A 44 19.48 -68.82 0.63
N GLU A 45 18.93 -67.81 -0.02
CA GLU A 45 18.75 -66.49 0.56
C GLU A 45 17.66 -66.54 1.64
N LEU A 46 16.63 -67.36 1.43
CA LEU A 46 15.61 -67.57 2.44
C LEU A 46 16.25 -68.23 3.60
N ALA A 47 17.03 -69.27 3.34
CA ALA A 47 17.76 -69.98 4.40
C ALA A 47 18.70 -69.08 5.17
N GLU A 48 19.47 -68.25 4.46
CA GLU A 48 20.34 -67.27 5.08
C GLU A 48 19.61 -66.34 6.04
N SER A 49 18.54 -65.71 5.56
CA SER A 49 17.76 -64.80 6.38
C SER A 49 16.95 -65.53 7.42
N LEU A 50 16.53 -66.77 7.22
CA LEU A 50 15.91 -67.55 8.30
C LEU A 50 16.87 -67.84 9.42
N LEU A 51 18.14 -67.99 9.05
CA LEU A 51 19.19 -68.23 10.01
C LEU A 51 19.37 -67.00 10.88
N LYS A 52 19.31 -65.82 10.28
CA LYS A 52 19.37 -64.55 11.02
C LYS A 52 18.15 -64.43 11.93
N ALA A 53 16.98 -64.81 11.41
CA ALA A 53 15.76 -64.85 12.20
C ALA A 53 15.83 -65.81 13.36
N LYS A 54 16.41 -66.99 13.12
CA LYS A 54 16.59 -67.99 14.16
C LYS A 54 17.46 -67.44 15.25
N GLU A 55 18.59 -66.84 14.85
CA GLU A 55 19.48 -66.22 15.79
C GLU A 55 18.81 -65.05 16.51
N LEU A 56 18.16 -64.13 15.79
CA LEU A 56 17.49 -63.00 16.43
C LEU A 56 16.39 -63.48 17.38
N ALA A 57 15.76 -64.65 17.30
CA ALA A 57 15.06 -65.24 18.45
C ALA A 57 16.06 -65.68 19.59
N ALA A 58 16.34 -64.47 20.06
CA ALA A 58 17.30 -64.14 21.16
C ALA A 58 16.43 -63.04 21.82
N THR A 59 15.76 -62.26 20.94
CA THR A 59 14.48 -61.54 21.28
C THR A 59 13.68 -62.67 21.84
N GLN A 60 13.91 -62.73 23.14
CA GLN A 60 13.45 -63.81 23.97
C GLN A 60 13.98 -65.14 23.45
N GLY A 61 13.75 -66.16 24.25
CA GLY A 61 14.17 -67.53 23.96
C GLY A 61 13.06 -68.06 23.13
N TYR A 62 13.07 -67.69 21.86
CA TYR A 62 12.08 -68.18 20.90
C TYR A 62 12.82 -69.07 19.89
N GLY A 63 12.31 -70.24 19.52
CA GLY A 63 12.83 -71.07 18.44
C GLY A 63 11.83 -70.99 17.32
N LEU A 64 12.23 -71.34 16.09
CA LEU A 64 11.33 -71.28 14.95
C LEU A 64 10.82 -72.65 14.60
N LEU A 65 9.53 -72.73 14.25
CA LEU A 65 8.95 -73.95 13.74
C LEU A 65 8.51 -73.62 12.33
N LEU A 66 9.10 -74.27 11.34
CA LEU A 66 8.76 -74.03 9.95
C LEU A 66 7.69 -74.98 9.48
N TRP A 67 6.73 -74.46 8.73
CA TRP A 67 5.64 -75.24 8.19
C TRP A 67 5.66 -75.38 6.70
N ASP A 68 6.12 -74.37 5.97
CA ASP A 68 6.16 -74.43 4.53
C ASP A 68 7.05 -73.33 4.01
N GLY A 69 7.90 -73.68 3.04
CA GLY A 69 8.81 -72.77 2.38
C GLY A 69 8.48 -72.78 0.90
N TYR A 70 9.39 -73.28 0.07
CA TYR A 70 9.12 -73.48 -1.36
C TYR A 70 7.97 -74.47 -1.58
N ARG A 71 7.07 -74.00 -2.43
CA ARG A 71 5.87 -74.71 -2.77
C ARG A 71 5.76 -74.84 -4.28
N PRO A 72 5.78 -76.08 -4.82
CA PRO A 72 5.70 -76.30 -6.27
C PRO A 72 4.43 -75.69 -6.87
N LYS A 73 4.44 -75.19 -8.10
CA LYS A 73 3.22 -74.73 -8.75
C LYS A 73 2.16 -75.79 -8.76
N ARG A 74 2.54 -77.05 -8.91
CA ARG A 74 1.58 -78.14 -8.90
C ARG A 74 0.94 -78.26 -7.52
N ALA A 75 1.64 -77.86 -6.45
CA ALA A 75 1.04 -77.84 -5.10
C ALA A 75 -0.05 -76.79 -5.02
N VAL A 76 0.24 -75.65 -5.64
CA VAL A 76 -0.71 -74.55 -5.76
C VAL A 76 -1.90 -75.00 -6.63
N ASN A 77 -1.70 -75.74 -7.71
CA ASN A 77 -2.82 -76.24 -8.51
C ASN A 77 -3.64 -77.23 -7.72
N CYS A 78 -2.95 -78.06 -6.93
CA CYS A 78 -3.61 -79.07 -6.10
C CYS A 78 -4.55 -78.39 -5.11
N PHE A 79 -4.13 -77.28 -4.49
CA PHE A 79 -4.97 -76.52 -3.60
C PHE A 79 -6.17 -75.96 -4.34
N MET A 80 -5.95 -75.43 -5.54
CA MET A 80 -7.02 -74.86 -6.34
C MET A 80 -8.03 -75.93 -6.73
N GLN A 81 -7.53 -77.11 -7.11
CA GLN A 81 -8.38 -78.25 -7.44
C GLN A 81 -9.18 -78.65 -6.22
N TRP A 82 -8.56 -78.70 -5.04
CA TRP A 82 -9.25 -79.04 -3.82
C TRP A 82 -10.36 -78.02 -3.51
N ALA A 83 -10.08 -76.73 -3.66
CA ALA A 83 -11.05 -75.69 -3.41
C ALA A 83 -12.26 -75.81 -4.34
N ALA A 84 -12.05 -76.42 -5.50
CA ALA A 84 -13.12 -76.66 -6.45
C ALA A 84 -13.90 -77.95 -6.19
N GLN A 85 -13.50 -78.77 -5.23
CA GLN A 85 -14.22 -80.02 -4.91
C GLN A 85 -15.38 -79.77 -3.97
N PRO A 86 -16.35 -80.69 -3.95
CA PRO A 86 -17.44 -80.70 -2.97
C PRO A 86 -17.01 -80.82 -1.53
N GLU A 87 -17.77 -80.13 -0.69
CA GLU A 87 -17.50 -80.07 0.71
C GLU A 87 -17.90 -81.34 1.45
N ASN A 88 -16.85 -82.05 1.85
CA ASN A 88 -16.99 -83.26 2.64
C ASN A 88 -16.92 -83.03 4.15
N ASN A 89 -16.75 -81.74 4.50
CA ASN A 89 -16.63 -81.32 5.90
C ASN A 89 -15.55 -81.94 6.76
N LEU A 90 -14.60 -82.56 6.08
CA LEU A 90 -13.49 -83.23 6.71
C LEU A 90 -12.53 -82.31 7.48
N THR A 91 -12.15 -81.19 6.86
CA THR A 91 -11.24 -80.25 7.49
C THR A 91 -11.86 -78.87 7.70
N LYS A 92 -13.15 -78.71 7.44
CA LYS A 92 -13.80 -77.41 7.53
C LYS A 92 -13.73 -76.80 8.90
N GLU A 93 -14.16 -77.50 9.96
CA GLU A 93 -14.07 -76.98 11.33
C GLU A 93 -12.76 -76.44 11.81
N SER A 94 -11.66 -77.10 11.46
CA SER A 94 -10.35 -76.73 11.93
C SER A 94 -9.69 -75.71 11.09
N TYR A 95 -9.96 -75.70 9.79
CA TYR A 95 -9.26 -74.83 8.88
C TYR A 95 -10.09 -73.74 8.29
N TYR A 96 -11.41 -73.83 8.17
CA TYR A 96 -12.18 -72.75 7.58
C TYR A 96 -13.64 -72.83 7.95
N PRO A 97 -13.94 -72.77 9.26
CA PRO A 97 -15.31 -72.46 9.66
C PRO A 97 -15.52 -71.00 9.25
N ASN A 98 -16.76 -70.52 9.20
CA ASN A 98 -17.05 -69.13 8.83
C ASN A 98 -16.81 -68.75 7.36
N ILE A 99 -15.94 -69.37 6.57
CA ILE A 99 -15.94 -69.19 5.11
C ILE A 99 -16.08 -70.57 4.43
N ASP A 100 -16.19 -70.67 3.11
CA ASP A 100 -16.13 -71.96 2.42
C ASP A 100 -14.89 -72.10 1.50
N ARG A 101 -14.66 -73.21 0.81
CA ARG A 101 -13.49 -73.37 -0.08
C ARG A 101 -13.23 -72.33 -1.18
N THR A 102 -14.38 -71.88 -1.67
CA THR A 102 -14.45 -70.86 -2.70
C THR A 102 -13.90 -69.54 -2.14
N GLU A 103 -14.48 -69.13 -1.02
CA GLU A 103 -14.11 -67.89 -0.34
C GLU A 103 -12.65 -67.87 0.10
N MET A 104 -12.08 -69.05 0.34
CA MET A 104 -10.67 -69.18 0.69
C MET A 104 -9.74 -68.72 -0.42
N ILE A 105 -10.26 -68.57 -1.64
CA ILE A 105 -9.51 -68.00 -2.71
C ILE A 105 -9.92 -66.52 -2.87
N SER A 106 -11.22 -66.23 -2.86
CA SER A 106 -11.73 -64.84 -3.00
C SER A 106 -11.12 -63.85 -2.03
N LYS A 107 -10.77 -64.37 -0.86
CA LYS A 107 -10.31 -63.55 0.24
C LYS A 107 -8.82 -63.42 0.51
N GLY A 108 -8.03 -63.98 -0.41
CA GLY A 108 -6.58 -63.89 -0.43
C GLY A 108 -5.90 -64.92 0.45
N TYR A 109 -6.66 -65.91 0.92
CA TYR A 109 -6.12 -66.97 1.76
C TYR A 109 -5.42 -68.09 1.03
N VAL A 110 -5.93 -68.45 -0.14
CA VAL A 110 -5.25 -69.37 -1.04
C VAL A 110 -4.96 -68.64 -2.34
N ALA A 111 -3.68 -68.61 -2.69
CA ALA A 111 -3.23 -67.91 -3.86
C ALA A 111 -3.24 -68.70 -5.17
N SER A 112 -3.81 -68.14 -6.25
CA SER A 112 -3.76 -68.78 -7.61
C SER A 112 -2.38 -69.11 -8.14
N LYS A 113 -1.66 -68.11 -7.67
CA LYS A 113 -0.23 -67.96 -7.93
C LYS A 113 0.31 -67.66 -6.52
N SER A 114 1.36 -68.32 -6.07
CA SER A 114 1.85 -68.15 -4.72
C SER A 114 3.30 -67.69 -4.71
N SER A 115 3.56 -66.77 -3.77
CA SER A 115 4.91 -66.30 -3.52
C SER A 115 5.87 -67.41 -3.11
N HIS A 116 5.26 -68.48 -2.62
CA HIS A 116 5.98 -69.65 -2.17
C HIS A 116 6.70 -70.41 -3.26
N SER A 117 6.07 -70.41 -4.42
CA SER A 117 6.65 -71.02 -5.61
C SER A 117 7.90 -70.29 -6.07
N ARG A 118 8.17 -69.09 -5.56
CA ARG A 118 9.37 -68.36 -5.93
C ARG A 118 10.50 -68.72 -5.01
N GLY A 119 10.24 -69.52 -3.98
CA GLY A 119 11.25 -70.06 -3.07
C GLY A 119 11.72 -69.24 -1.91
N SER A 120 11.18 -68.03 -1.74
CA SER A 120 11.60 -67.15 -0.67
C SER A 120 10.57 -66.76 0.35
N ALA A 121 9.44 -67.46 0.33
CA ALA A 121 8.40 -67.27 1.33
C ALA A 121 8.45 -68.42 2.32
N ILE A 122 8.06 -68.14 3.56
CA ILE A 122 8.12 -69.11 4.63
C ILE A 122 6.93 -68.94 5.59
N ASP A 123 6.45 -70.09 6.05
CA ASP A 123 5.44 -70.17 7.07
C ASP A 123 6.01 -70.70 8.33
N LEU A 124 5.84 -70.01 9.45
CA LEU A 124 6.44 -70.40 10.68
C LEU A 124 5.79 -69.85 11.95
N THR A 125 6.12 -70.43 13.11
CA THR A 125 5.79 -69.84 14.40
C THR A 125 7.10 -69.85 15.13
N LEU A 126 6.84 -69.46 16.38
CA LEU A 126 7.84 -69.46 17.43
C LEU A 126 7.45 -70.52 18.48
N TYR A 127 8.43 -71.14 19.13
CA TYR A 127 8.16 -71.88 20.33
C TYR A 127 9.11 -71.30 21.38
N ARG A 128 8.74 -71.49 22.65
CA ARG A 128 9.56 -71.04 23.76
C ARG A 128 10.80 -71.91 23.85
N LEU A 129 11.99 -71.33 23.94
CA LEU A 129 13.21 -72.10 24.01
C LEU A 129 13.35 -72.72 25.38
N ASP A 130 12.96 -72.03 26.44
CA ASP A 130 13.07 -72.55 27.79
C ASP A 130 12.16 -73.72 28.15
N THR A 131 10.92 -73.45 27.76
CA THR A 131 9.80 -74.27 28.09
C THR A 131 9.61 -75.34 27.01
N GLY A 132 10.07 -75.09 25.78
CA GLY A 132 9.92 -75.98 24.63
C GLY A 132 8.51 -76.03 24.04
N GLU A 133 7.58 -75.28 24.63
CA GLU A 133 6.21 -75.24 24.16
C GLU A 133 5.94 -74.24 23.04
N LEU A 134 4.87 -74.46 22.29
CA LEU A 134 4.47 -73.55 21.23
C LEU A 134 3.97 -72.23 21.80
N VAL A 135 4.43 -71.15 21.19
CA VAL A 135 4.00 -69.81 21.55
C VAL A 135 2.60 -69.69 20.98
N PRO A 136 1.61 -69.42 21.85
CA PRO A 136 0.22 -69.25 21.42
C PRO A 136 -0.01 -68.01 20.55
N MET A 137 -0.64 -68.28 19.40
CA MET A 137 -0.87 -67.27 18.41
C MET A 137 -2.35 -67.01 18.18
N GLY A 138 -3.28 -67.73 18.78
CA GLY A 138 -4.72 -67.50 18.62
C GLY A 138 -5.40 -68.25 17.52
N SER A 139 -4.67 -68.62 16.48
CA SER A 139 -5.22 -69.41 15.41
C SER A 139 -4.14 -70.36 14.93
N ARG A 140 -4.58 -71.44 14.31
CA ARG A 140 -3.68 -72.43 13.76
C ARG A 140 -3.10 -72.03 12.39
N PHE A 141 -1.99 -72.65 12.01
CA PHE A 141 -1.49 -72.57 10.63
C PHE A 141 -2.59 -72.96 9.64
N ASP A 142 -2.72 -72.13 8.62
CA ASP A 142 -3.77 -72.27 7.65
C ASP A 142 -5.17 -72.19 8.22
N PHE A 143 -5.40 -71.37 9.24
CA PHE A 143 -6.71 -71.22 9.78
C PHE A 143 -7.58 -70.44 8.81
N MET A 144 -7.30 -69.54 7.88
CA MET A 144 -8.28 -69.17 6.84
C MET A 144 -9.54 -68.52 7.36
N ASP A 145 -9.23 -67.53 8.19
CA ASP A 145 -10.24 -66.79 8.87
C ASP A 145 -9.69 -65.42 9.22
N GLU A 146 -10.57 -64.48 9.54
CA GLU A 146 -10.14 -63.15 9.95
C GLU A 146 -9.34 -63.15 11.23
N ARG A 147 -9.49 -64.26 11.95
CA ARG A 147 -8.74 -64.52 13.16
C ARG A 147 -7.23 -64.64 12.88
N SER A 148 -6.89 -65.14 11.70
CA SER A 148 -5.50 -65.30 11.32
C SER A 148 -4.83 -64.02 10.87
N HIS A 149 -5.56 -62.93 10.67
CA HIS A 149 -4.98 -61.67 10.28
C HIS A 149 -4.09 -61.15 11.39
N HIS A 150 -3.00 -60.47 11.05
CA HIS A 150 -2.12 -59.89 12.04
C HIS A 150 -2.80 -58.89 12.95
N ALA A 151 -3.66 -58.09 12.32
CA ALA A 151 -4.40 -57.06 13.02
C ALA A 151 -5.67 -57.52 13.73
N ALA A 152 -5.95 -58.82 13.68
CA ALA A 152 -7.18 -59.36 14.22
C ALA A 152 -7.45 -59.15 15.68
N ASN A 153 -8.73 -58.93 15.92
CA ASN A 153 -9.28 -58.86 17.28
C ASN A 153 -10.01 -60.18 17.53
N GLY A 154 -10.28 -60.52 18.79
CA GLY A 154 -10.85 -61.81 19.19
C GLY A 154 -9.69 -62.76 19.46
N ILE A 155 -8.52 -62.16 19.61
CA ILE A 155 -7.28 -62.87 19.86
C ILE A 155 -6.91 -62.13 21.15
N SER A 156 -6.41 -62.84 22.18
CA SER A 156 -6.04 -62.20 23.43
C SER A 156 -4.85 -61.25 23.27
N CYS A 157 -4.48 -60.55 24.34
CA CYS A 157 -3.39 -59.59 24.28
C CYS A 157 -2.07 -60.28 24.12
N ASN A 158 -1.94 -61.46 24.72
CA ASN A 158 -0.73 -62.26 24.62
C ASN A 158 -0.58 -62.77 23.21
N GLU A 159 -1.62 -63.43 22.69
CA GLU A 159 -1.63 -63.94 21.36
C GLU A 159 -1.34 -62.85 20.35
N ALA A 160 -1.95 -61.68 20.46
CA ALA A 160 -1.67 -60.56 19.54
C ALA A 160 -0.25 -60.05 19.65
N GLN A 161 0.25 -60.01 20.87
CA GLN A 161 1.62 -59.63 21.13
C GLN A 161 2.60 -60.66 20.62
N ASN A 162 2.24 -61.92 20.71
CA ASN A 162 3.05 -62.99 20.21
C ASN A 162 3.21 -62.91 18.72
N ARG A 163 2.12 -62.62 18.01
CA ARG A 163 2.18 -62.46 16.58
C ARG A 163 3.04 -61.28 16.16
N ARG A 164 2.98 -60.24 16.98
CA ARG A 164 3.79 -59.06 16.79
C ARG A 164 5.26 -59.37 16.96
N ARG A 165 5.59 -60.26 17.90
CA ARG A 165 6.99 -60.63 18.13
C ARG A 165 7.50 -61.49 17.01
N LEU A 166 6.70 -62.40 16.45
CA LEU A 166 7.11 -63.19 15.32
C LEU A 166 7.39 -62.23 14.16
N ARG A 167 6.42 -61.35 13.90
CA ARG A 167 6.54 -60.36 12.85
C ARG A 167 7.76 -59.48 12.94
N SER A 168 8.02 -58.94 14.13
CA SER A 168 9.22 -58.15 14.36
C SER A 168 10.53 -58.92 14.15
N ILE A 169 10.59 -60.18 14.57
CA ILE A 169 11.77 -61.00 14.36
C ILE A 169 12.00 -61.18 12.87
N MET A 170 10.92 -61.39 12.14
CA MET A 170 10.99 -61.57 10.72
C MET A 170 11.31 -60.31 9.95
N GLU A 171 10.65 -59.21 10.31
CA GLU A 171 10.91 -57.90 9.69
C GLU A 171 12.33 -57.42 9.94
N ASN A 172 12.86 -57.63 11.14
CA ASN A 172 14.25 -57.34 11.44
C ASN A 172 15.27 -58.25 10.81
N SER A 173 14.79 -59.30 10.13
CA SER A 173 15.67 -60.30 9.56
C SER A 173 15.57 -60.39 8.05
N GLY A 174 14.97 -59.38 7.43
CA GLY A 174 14.90 -59.25 5.98
C GLY A 174 13.64 -59.71 5.38
N PHE A 175 12.59 -59.85 6.18
CA PHE A 175 11.29 -60.31 5.66
C PHE A 175 10.22 -59.26 5.67
N GLU A 176 9.21 -59.52 4.85
CA GLU A 176 8.04 -58.71 4.82
C GLU A 176 6.87 -59.54 5.29
N ALA A 177 6.04 -59.06 6.20
CA ALA A 177 4.89 -59.82 6.66
C ALA A 177 3.78 -59.76 5.65
N TYR A 178 2.65 -60.35 6.02
CA TYR A 178 1.47 -60.30 5.20
C TYR A 178 0.35 -60.22 6.20
N SER A 179 -0.50 -59.21 5.99
CA SER A 179 -1.56 -58.90 6.94
C SER A 179 -2.60 -59.95 7.24
N LEU A 180 -2.91 -60.74 6.23
CA LEU A 180 -3.96 -61.68 6.34
C LEU A 180 -3.60 -62.98 6.98
N GLU A 181 -2.30 -63.24 7.12
CA GLU A 181 -1.83 -64.48 7.70
C GLU A 181 -0.64 -64.22 8.60
N TRP A 182 -0.76 -64.39 9.91
CA TRP A 182 0.29 -64.08 10.82
C TRP A 182 1.54 -64.94 10.63
N TRP A 183 1.39 -66.06 9.94
CA TRP A 183 2.49 -66.99 9.73
C TRP A 183 3.33 -66.80 8.48
N HIS A 184 2.76 -66.08 7.51
CA HIS A 184 3.41 -65.80 6.22
C HIS A 184 4.41 -64.66 6.21
N TYR A 185 5.57 -64.96 5.62
CA TYR A 185 6.65 -63.98 5.50
C TYR A 185 7.41 -64.19 4.22
N VAL A 186 7.74 -63.12 3.50
CA VAL A 186 8.44 -63.24 2.25
C VAL A 186 9.70 -62.47 2.47
N LEU A 187 10.78 -62.98 1.88
CA LEU A 187 12.04 -62.31 1.89
C LEU A 187 11.81 -61.00 1.12
N ARG A 188 12.28 -59.90 1.70
CA ARG A 188 12.12 -58.58 1.10
C ARG A 188 12.79 -58.37 -0.27
N ASP A 189 14.05 -58.75 -0.40
CA ASP A 189 14.72 -58.72 -1.69
C ASP A 189 15.09 -60.16 -1.95
N GLU A 190 14.15 -60.80 -2.64
CA GLU A 190 14.25 -62.19 -2.96
C GLU A 190 14.90 -62.39 -4.31
N PRO A 191 15.69 -63.47 -4.46
CA PRO A 191 16.43 -63.72 -5.68
C PRO A 191 15.59 -63.94 -6.92
N TYR A 192 14.38 -64.47 -6.78
CA TYR A 192 13.57 -64.81 -7.93
C TYR A 192 12.13 -64.37 -7.75
N PRO A 193 11.87 -63.04 -7.78
CA PRO A 193 10.49 -62.58 -8.00
C PRO A 193 10.15 -62.94 -9.44
N ASN A 194 8.91 -62.95 -9.87
CA ASN A 194 8.58 -63.31 -11.28
C ASN A 194 8.97 -64.74 -11.68
N SER A 195 9.65 -65.53 -10.86
CA SER A 195 9.93 -66.93 -11.19
C SER A 195 9.11 -67.84 -10.27
N TYR A 196 8.18 -68.59 -10.83
CA TYR A 196 7.36 -69.52 -10.05
C TYR A 196 7.72 -70.97 -10.44
N PHE A 197 8.52 -71.59 -9.59
CA PHE A 197 9.05 -72.92 -9.88
C PHE A 197 8.08 -74.10 -9.66
N ASP A 198 8.43 -75.21 -10.30
CA ASP A 198 7.67 -76.42 -10.21
C ASP A 198 8.43 -77.72 -10.10
N PHE A 199 9.61 -77.70 -9.50
CA PHE A 199 10.32 -78.90 -9.22
C PHE A 199 9.75 -79.38 -7.88
N PRO A 200 9.73 -80.71 -7.65
CA PRO A 200 9.10 -81.23 -6.45
C PRO A 200 9.92 -80.99 -5.21
N VAL A 201 9.25 -80.99 -4.06
CA VAL A 201 9.92 -80.94 -2.78
C VAL A 201 10.27 -82.42 -2.57
N LYS A 202 11.53 -82.66 -2.88
CA LYS A 202 12.06 -84.01 -2.98
C LYS A 202 13.56 -84.07 -2.70
N MET B 1 -5.76 -35.44 -16.90
CA MET B 1 -5.41 -36.51 -15.95
C MET B 1 -5.32 -37.85 -16.67
N GLU B 2 -4.22 -38.56 -16.43
CA GLU B 2 -4.03 -39.89 -16.99
C GLU B 2 -5.16 -40.87 -16.75
N ILE B 3 -5.31 -41.82 -17.66
CA ILE B 3 -6.36 -42.80 -17.56
C ILE B 3 -6.09 -43.88 -16.52
N GLY B 4 -7.12 -44.16 -15.72
CA GLY B 4 -7.06 -45.11 -14.61
C GLY B 4 -6.61 -44.45 -13.32
N PHE B 5 -6.20 -43.18 -13.41
CA PHE B 5 -5.81 -42.40 -12.26
C PHE B 5 -6.79 -41.28 -11.95
N THR B 6 -6.71 -40.83 -10.70
CA THR B 6 -7.58 -39.77 -10.19
C THR B 6 -6.88 -38.98 -9.09
N PHE B 7 -7.37 -37.77 -8.88
CA PHE B 7 -6.99 -36.99 -7.71
C PHE B 7 -7.71 -37.73 -6.61
N LEU B 8 -7.03 -38.25 -5.60
CA LEU B 8 -7.67 -39.05 -4.57
C LEU B 8 -8.79 -38.38 -3.79
N ASP B 9 -8.71 -37.06 -3.62
CA ASP B 9 -9.72 -36.32 -2.87
C ASP B 9 -11.02 -36.28 -3.63
N GLU B 10 -11.02 -36.48 -4.95
CA GLU B 10 -12.25 -36.50 -5.71
C GLU B 10 -13.01 -37.80 -5.57
N ILE B 11 -12.41 -38.79 -4.92
CA ILE B 11 -13.09 -40.05 -4.60
C ILE B 11 -13.25 -40.14 -3.09
N VAL B 12 -12.17 -39.87 -2.37
CA VAL B 12 -12.15 -39.96 -0.92
C VAL B 12 -12.42 -38.54 -0.42
N HIS B 13 -13.68 -38.15 -0.29
CA HIS B 13 -14.04 -36.77 -0.06
C HIS B 13 -13.64 -35.94 1.12
N GLY B 14 -13.76 -36.26 2.39
CA GLY B 14 -13.32 -35.40 3.50
C GLY B 14 -11.87 -35.59 3.86
N VAL B 15 -11.12 -36.28 2.99
CA VAL B 15 -9.74 -36.64 3.30
C VAL B 15 -8.83 -35.43 3.35
N ARG B 16 -7.95 -35.43 4.33
CA ARG B 16 -6.97 -34.38 4.50
C ARG B 16 -5.73 -34.71 3.69
N TRP B 17 -5.04 -33.75 3.09
CA TRP B 17 -3.82 -34.03 2.40
C TRP B 17 -2.93 -32.84 2.42
N ASP B 18 -1.68 -33.19 2.12
CA ASP B 18 -0.62 -32.23 2.09
C ASP B 18 0.40 -32.89 1.21
N ALA B 19 0.35 -32.56 -0.07
CA ALA B 19 1.29 -33.10 -1.04
C ALA B 19 2.66 -32.51 -0.82
N LYS B 20 3.32 -33.22 0.09
CA LYS B 20 4.63 -32.86 0.52
C LYS B 20 5.62 -32.58 -0.57
N TYR B 21 5.54 -33.31 -1.67
CA TYR B 21 6.53 -33.17 -2.73
C TYR B 21 6.14 -32.10 -3.73
N ALA B 22 4.93 -31.54 -3.55
CA ALA B 22 4.49 -30.37 -4.34
C ALA B 22 4.69 -29.08 -3.57
N THR B 23 5.51 -29.24 -2.54
CA THR B 23 5.65 -28.25 -1.48
C THR B 23 7.14 -28.09 -1.19
N TRP B 24 7.62 -27.07 -0.47
CA TRP B 24 9.01 -26.99 -0.07
C TRP B 24 9.32 -27.79 1.20
N ASP B 25 8.29 -28.30 1.85
CA ASP B 25 8.45 -29.01 3.09
C ASP B 25 8.63 -30.51 2.89
N ASN B 26 9.71 -30.86 2.20
CA ASN B 26 10.13 -32.23 2.08
C ASN B 26 11.64 -32.28 2.23
N PHE B 27 12.25 -33.46 2.20
CA PHE B 27 13.67 -33.58 2.45
C PHE B 27 14.54 -32.97 1.38
N THR B 28 14.07 -32.71 0.17
CA THR B 28 14.90 -32.06 -0.84
C THR B 28 14.89 -30.54 -0.69
N GLY B 29 13.91 -30.07 0.08
CA GLY B 29 13.74 -28.67 0.44
C GLY B 29 13.06 -27.79 -0.58
N LYS B 30 12.77 -28.35 -1.76
CA LYS B 30 12.05 -27.63 -2.82
C LYS B 30 10.92 -28.61 -3.21
N PRO B 31 9.96 -28.17 -4.05
CA PRO B 31 9.09 -29.07 -4.82
C PRO B 31 9.87 -30.03 -5.71
N VAL B 32 9.33 -31.24 -5.80
CA VAL B 32 9.98 -32.32 -6.52
C VAL B 32 9.49 -32.33 -7.94
N ASP B 33 10.40 -32.62 -8.86
CA ASP B 33 10.08 -32.65 -10.30
C ASP B 33 8.98 -33.67 -10.55
N GLY B 34 7.96 -33.24 -11.28
CA GLY B 34 6.79 -34.04 -11.61
C GLY B 34 5.57 -33.74 -10.76
N TYR B 35 5.77 -33.01 -9.67
CA TYR B 35 4.67 -32.62 -8.79
C TYR B 35 4.38 -31.16 -9.07
N GLU B 36 3.41 -30.92 -9.92
CA GLU B 36 3.06 -29.56 -10.33
C GLU B 36 1.82 -29.04 -9.64
N VAL B 37 1.19 -29.93 -8.87
CA VAL B 37 -0.07 -29.67 -8.25
C VAL B 37 -0.01 -30.13 -6.80
N ASN B 38 -0.59 -29.39 -5.84
CA ASN B 38 -0.59 -29.82 -4.44
C ASN B 38 -1.82 -30.65 -4.27
N ARG B 39 -1.75 -31.81 -4.91
CA ARG B 39 -2.79 -32.84 -4.78
C ARG B 39 -2.19 -34.23 -4.72
N ILE B 40 -2.96 -35.19 -4.22
CA ILE B 40 -2.52 -36.58 -4.13
C ILE B 40 -3.22 -37.27 -5.27
N VAL B 41 -2.40 -37.81 -6.16
CA VAL B 41 -2.91 -38.53 -7.31
C VAL B 41 -2.75 -40.00 -7.03
N GLY B 42 -3.65 -40.81 -7.57
CA GLY B 42 -3.59 -42.24 -7.44
C GLY B 42 -4.45 -42.98 -8.38
N THR B 43 -4.21 -44.28 -8.40
CA THR B 43 -4.97 -45.22 -9.13
C THR B 43 -6.43 -45.26 -8.63
N TYR B 44 -7.47 -45.48 -9.44
CA TYR B 44 -8.85 -45.59 -8.95
C TYR B 44 -9.08 -46.65 -7.90
N GLU B 45 -8.26 -47.69 -7.98
CA GLU B 45 -8.32 -48.78 -7.04
C GLU B 45 -7.72 -48.38 -5.71
N LEU B 46 -6.69 -47.55 -5.73
CA LEU B 46 -6.11 -46.99 -4.54
C LEU B 46 -7.16 -46.11 -3.89
N ALA B 47 -7.79 -45.23 -4.67
CA ALA B 47 -8.82 -44.37 -4.16
C ALA B 47 -9.97 -45.15 -3.55
N GLU B 48 -10.42 -46.19 -4.23
CA GLU B 48 -11.49 -47.07 -3.73
C GLU B 48 -11.17 -47.67 -2.38
N SER B 49 -10.00 -48.28 -2.25
CA SER B 49 -9.56 -48.87 -0.98
C SER B 49 -9.20 -47.81 0.06
N LEU B 50 -8.71 -46.63 -0.30
CA LEU B 50 -8.50 -45.55 0.66
C LEU B 50 -9.83 -45.05 1.19
N LEU B 51 -10.88 -45.10 0.38
CA LEU B 51 -12.21 -44.77 0.83
C LEU B 51 -12.67 -45.77 1.86
N LYS B 52 -12.38 -47.07 1.70
CA LYS B 52 -12.74 -48.08 2.71
C LYS B 52 -11.92 -47.82 3.93
N ALA B 53 -10.67 -47.41 3.77
CA ALA B 53 -9.81 -47.10 4.92
C ALA B 53 -10.29 -45.89 5.69
N LYS B 54 -10.68 -44.82 5.00
CA LYS B 54 -11.21 -43.62 5.67
C LYS B 54 -12.62 -43.86 6.27
N GLU B 55 -13.40 -44.74 5.66
CA GLU B 55 -14.66 -45.16 6.22
C GLU B 55 -14.35 -45.86 7.53
N LEU B 56 -13.22 -46.51 7.86
CA LEU B 56 -12.88 -46.80 9.27
C LEU B 56 -12.41 -45.47 10.00
N ALA B 57 -13.47 -44.67 9.96
CA ALA B 57 -13.65 -43.50 10.86
C ALA B 57 -14.57 -44.06 11.99
N ALA B 58 -14.98 -45.30 11.79
CA ALA B 58 -15.64 -46.11 12.82
C ALA B 58 -14.61 -46.46 13.92
N THR B 59 -13.34 -46.73 13.61
CA THR B 59 -12.28 -47.03 14.65
C THR B 59 -12.06 -45.66 15.34
N GLN B 60 -11.08 -45.44 16.22
CA GLN B 60 -11.15 -44.36 17.20
C GLN B 60 -11.00 -42.95 16.73
N GLY B 61 -12.09 -42.76 16.00
CA GLY B 61 -12.43 -41.53 15.31
C GLY B 61 -11.16 -40.99 14.75
N TYR B 62 -10.70 -41.61 13.67
CA TYR B 62 -9.51 -41.17 13.03
C TYR B 62 -9.93 -40.74 11.64
N GLY B 63 -9.18 -39.75 11.15
CA GLY B 63 -9.29 -39.26 9.78
C GLY B 63 -7.94 -39.55 9.19
N LEU B 64 -7.87 -39.56 7.86
CA LEU B 64 -6.64 -39.81 7.15
C LEU B 64 -6.04 -38.50 6.68
N LEU B 65 -4.73 -38.37 6.82
CA LEU B 65 -3.99 -37.29 6.21
C LEU B 65 -3.05 -37.93 5.19
N LEU B 66 -3.21 -37.60 3.91
CA LEU B 66 -2.43 -38.18 2.85
C LEU B 66 -1.29 -37.27 2.51
N TRP B 67 -0.13 -37.88 2.29
CA TRP B 67 1.10 -37.14 1.97
C TRP B 67 1.61 -37.36 0.59
N ASP B 68 1.43 -38.55 0.02
CA ASP B 68 1.93 -38.88 -1.27
C ASP B 68 1.30 -40.16 -1.72
N GLY B 69 0.90 -40.15 -2.98
CA GLY B 69 0.24 -41.27 -3.65
C GLY B 69 1.09 -41.57 -4.85
N TYR B 70 0.53 -41.44 -6.05
CA TYR B 70 1.30 -41.58 -7.28
C TYR B 70 2.45 -40.58 -7.31
N ARG B 71 3.61 -41.14 -7.64
CA ARG B 71 4.85 -40.41 -7.74
C ARG B 71 5.48 -40.67 -9.11
N PRO B 72 5.65 -39.62 -9.93
CA PRO B 72 6.26 -39.76 -11.25
C PRO B 72 7.66 -40.37 -11.19
N LYS B 73 8.10 -41.13 -12.19
CA LYS B 73 9.47 -41.64 -12.23
C LYS B 73 10.45 -40.50 -12.13
N ARG B 74 10.14 -39.36 -12.73
CA ARG B 74 11.04 -38.21 -12.69
C ARG B 74 11.15 -37.68 -11.28
N ALA B 75 10.12 -37.89 -10.45
CA ALA B 75 10.19 -37.51 -9.04
C ALA B 75 11.17 -38.37 -8.31
N VAL B 76 11.11 -39.66 -8.65
CA VAL B 76 12.06 -40.65 -8.13
C VAL B 76 13.46 -40.32 -8.61
N ASN B 77 13.66 -39.89 -9.86
CA ASN B 77 14.98 -39.50 -10.34
C ASN B 77 15.50 -38.25 -9.65
N CYS B 78 14.57 -37.34 -9.39
CA CYS B 78 14.84 -36.13 -8.64
C CYS B 78 15.34 -36.42 -7.23
N PHE B 79 14.73 -37.36 -6.51
CA PHE B 79 15.24 -37.80 -5.22
C PHE B 79 16.63 -38.41 -5.32
N MET B 80 16.85 -39.25 -6.34
CA MET B 80 18.13 -39.90 -6.56
C MET B 80 19.19 -38.87 -6.86
N GLN B 81 18.86 -37.88 -7.69
CA GLN B 81 19.77 -36.78 -7.98
C GLN B 81 20.08 -36.02 -6.72
N TRP B 82 19.08 -35.75 -5.89
CA TRP B 82 19.29 -35.03 -4.63
C TRP B 82 20.19 -35.82 -3.70
N ALA B 83 19.99 -37.13 -3.63
CA ALA B 83 20.79 -37.98 -2.76
C ALA B 83 22.26 -37.96 -3.16
N ALA B 84 22.50 -37.73 -4.46
CA ALA B 84 23.84 -37.62 -4.99
C ALA B 84 24.44 -36.23 -4.81
N GLN B 85 23.73 -35.21 -4.33
CA GLN B 85 24.31 -33.88 -4.16
C GLN B 85 25.10 -33.81 -2.84
N PRO B 86 26.01 -32.83 -2.73
CA PRO B 86 26.67 -32.51 -1.47
C PRO B 86 25.73 -32.02 -0.39
N GLU B 87 26.13 -32.39 0.82
CA GLU B 87 25.37 -32.08 2.01
C GLU B 87 25.44 -30.63 2.44
N ASN B 88 24.30 -29.97 2.26
CA ASN B 88 24.13 -28.59 2.71
C ASN B 88 23.52 -28.42 4.09
N ASN B 89 23.24 -29.58 4.70
CA ASN B 89 22.65 -29.65 6.02
C ASN B 89 21.32 -28.96 6.25
N LEU B 90 20.71 -28.60 5.12
CA LEU B 90 19.43 -27.92 5.13
C LEU B 90 18.28 -28.72 5.74
N THR B 91 18.15 -29.99 5.37
CA THR B 91 17.06 -30.84 5.88
C THR B 91 17.54 -32.05 6.66
N LYS B 92 18.84 -32.12 6.89
CA LYS B 92 19.44 -33.26 7.58
C LYS B 92 18.88 -33.51 8.96
N GLU B 93 18.87 -32.53 9.85
CA GLU B 93 18.31 -32.69 11.19
C GLU B 93 16.93 -33.25 11.35
N SER B 94 16.05 -32.81 10.45
CA SER B 94 14.66 -33.17 10.51
C SER B 94 14.35 -34.47 9.83
N TYR B 95 15.03 -34.72 8.71
CA TYR B 95 14.73 -35.87 7.90
C TYR B 95 15.73 -36.99 7.95
N TYR B 96 16.99 -36.80 8.28
CA TYR B 96 17.93 -37.90 8.33
C TYR B 96 19.15 -37.55 9.14
N PRO B 97 18.96 -37.26 10.43
CA PRO B 97 20.11 -37.35 11.34
C PRO B 97 20.41 -38.87 11.42
N ASN B 98 21.57 -39.23 11.98
CA ASN B 98 22.01 -40.64 12.11
C ASN B 98 22.35 -41.35 10.80
N ILE B 99 21.98 -40.80 9.64
CA ILE B 99 22.29 -41.40 8.34
C ILE B 99 22.96 -40.34 7.48
N ASP B 100 23.68 -40.76 6.45
CA ASP B 100 24.41 -39.83 5.59
C ASP B 100 23.80 -39.80 4.20
N ARG B 101 23.89 -38.68 3.47
CA ARG B 101 23.32 -38.60 2.14
C ARG B 101 24.09 -39.48 1.13
N THR B 102 25.29 -39.90 1.55
CA THR B 102 26.11 -40.85 0.77
C THR B 102 25.46 -42.24 0.68
N GLU B 103 24.97 -42.68 1.82
CA GLU B 103 24.39 -44.03 1.95
C GLU B 103 22.88 -44.10 1.78
N MET B 104 22.30 -43.02 1.24
CA MET B 104 20.84 -42.94 1.03
C MET B 104 20.20 -44.03 0.15
N ILE B 105 20.98 -44.26 -0.91
CA ILE B 105 20.65 -45.25 -1.94
C ILE B 105 21.38 -46.60 -1.68
N SER B 106 21.32 -47.15 -0.47
CA SER B 106 22.11 -48.34 -0.11
C SER B 106 21.62 -48.91 1.18
N LYS B 107 21.33 -48.01 2.10
CA LYS B 107 20.53 -48.34 3.27
C LYS B 107 19.08 -48.46 2.72
N GLY B 108 18.90 -47.94 1.50
CA GLY B 108 17.69 -48.12 0.70
C GLY B 108 16.53 -47.18 0.98
N TYR B 109 16.85 -45.92 1.29
CA TYR B 109 15.83 -44.93 1.62
C TYR B 109 15.27 -44.28 0.39
N VAL B 110 16.19 -44.11 -0.56
CA VAL B 110 15.90 -43.50 -1.84
C VAL B 110 16.22 -44.54 -2.93
N ALA B 111 15.38 -45.50 -3.32
CA ALA B 111 15.75 -46.45 -4.40
C ALA B 111 15.68 -45.89 -5.82
N SER B 112 16.09 -46.65 -6.84
CA SER B 112 15.95 -46.22 -8.22
C SER B 112 14.51 -46.39 -8.68
N LYS B 113 13.71 -47.15 -7.93
CA LYS B 113 12.40 -47.60 -8.40
C LYS B 113 11.43 -47.59 -7.24
N SER B 114 10.29 -46.92 -7.40
CA SER B 114 9.31 -46.81 -6.34
C SER B 114 7.95 -47.40 -6.67
N SER B 115 7.39 -48.10 -5.71
CA SER B 115 6.03 -48.61 -5.82
C SER B 115 4.98 -47.55 -6.09
N HIS B 116 5.38 -46.33 -5.72
CA HIS B 116 4.57 -45.16 -5.89
C HIS B 116 4.28 -44.78 -7.32
N SER B 117 5.29 -45.01 -8.15
CA SER B 117 5.18 -44.81 -9.58
C SER B 117 4.21 -45.76 -10.26
N ARG B 118 3.79 -46.82 -9.58
CA ARG B 118 2.75 -47.70 -10.10
C ARG B 118 1.36 -47.19 -9.77
N GLY B 119 1.25 -46.17 -8.91
CA GLY B 119 -0.01 -45.49 -8.60
C GLY B 119 -0.89 -46.01 -7.48
N SER B 120 -0.45 -47.10 -6.83
CA SER B 120 -1.26 -47.74 -5.81
C SER B 120 -0.63 -47.79 -4.44
N ALA B 121 0.40 -46.98 -4.24
CA ALA B 121 1.03 -46.84 -2.95
C ALA B 121 0.64 -45.48 -2.37
N ILE B 122 0.54 -45.40 -1.04
CA ILE B 122 0.08 -44.20 -0.39
C ILE B 122 0.84 -43.97 0.90
N ASP B 123 1.15 -42.70 1.14
CA ASP B 123 1.70 -42.26 2.41
C ASP B 123 0.72 -41.50 3.22
N LEU B 124 0.46 -41.90 4.46
CA LEU B 124 -0.54 -41.26 5.28
C LEU B 124 -0.37 -41.40 6.80
N THR B 125 -1.10 -40.55 7.55
CA THR B 125 -1.30 -40.75 8.98
C THR B 125 -2.78 -40.70 9.20
N LEU B 126 -2.97 -40.70 10.51
CA LEU B 126 -4.28 -40.56 11.11
C LEU B 126 -4.29 -39.24 11.85
N TYR B 127 -5.44 -38.58 11.93
CA TYR B 127 -5.63 -37.54 12.92
C TYR B 127 -6.88 -37.89 13.71
N ARG B 128 -7.01 -37.34 14.90
CA ARG B 128 -8.15 -37.62 15.75
C ARG B 128 -9.36 -36.91 15.18
N LEU B 129 -10.50 -37.57 14.97
CA LEU B 129 -11.67 -36.92 14.43
C LEU B 129 -12.28 -35.98 15.46
N ASP B 130 -12.31 -36.35 16.73
CA ASP B 130 -12.94 -35.54 17.77
C ASP B 130 -12.22 -34.23 18.08
N THR B 131 -10.92 -34.45 18.24
CA THR B 131 -10.00 -33.45 18.70
C THR B 131 -9.43 -32.62 17.50
N GLY B 132 -9.40 -33.24 16.32
CA GLY B 132 -8.85 -32.67 15.09
C GLY B 132 -7.33 -32.65 15.04
N GLU B 133 -6.67 -33.12 16.09
CA GLU B 133 -5.22 -33.14 16.13
C GLU B 133 -4.56 -34.36 15.50
N LEU B 134 -3.30 -34.23 15.15
CA LEU B 134 -2.55 -35.32 14.53
C LEU B 134 -2.30 -36.40 15.55
N VAL B 135 -2.47 -37.66 15.14
CA VAL B 135 -2.19 -38.80 16.02
C VAL B 135 -0.66 -38.90 16.05
N PRO B 136 -0.05 -38.85 17.25
CA PRO B 136 1.39 -38.99 17.42
C PRO B 136 1.95 -40.37 17.03
N MET B 137 2.90 -40.34 16.11
CA MET B 137 3.49 -41.57 15.56
C MET B 137 4.97 -41.73 15.91
N GLY B 138 5.61 -40.77 16.58
CA GLY B 138 6.98 -40.90 17.06
C GLY B 138 8.03 -40.41 16.12
N SER B 139 7.73 -40.41 14.82
CA SER B 139 8.65 -39.88 13.84
C SER B 139 7.82 -39.21 12.74
N ARG B 140 8.46 -38.28 12.03
CA ARG B 140 7.81 -37.53 10.97
C ARG B 140 7.75 -38.31 9.65
N PHE B 141 6.87 -37.91 8.75
CA PHE B 141 6.88 -38.41 7.39
C PHE B 141 8.25 -38.18 6.78
N ASP B 142 8.74 -39.25 6.17
CA ASP B 142 10.07 -39.26 5.55
C ASP B 142 11.18 -39.06 6.54
N PHE B 143 11.00 -39.54 7.77
CA PHE B 143 12.02 -39.42 8.76
C PHE B 143 13.19 -40.30 8.43
N MET B 144 13.27 -41.44 7.74
CA MET B 144 14.58 -41.97 7.24
C MET B 144 15.58 -42.37 8.30
N ASP B 145 15.00 -43.12 9.23
CA ASP B 145 15.69 -43.55 10.40
C ASP B 145 15.04 -44.85 10.85
N GLU B 146 15.73 -45.59 11.71
CA GLU B 146 15.17 -46.82 12.29
C GLU B 146 13.96 -46.54 13.18
N ARG B 147 13.84 -45.27 13.57
CA ARG B 147 12.71 -44.79 14.35
C ARG B 147 11.43 -44.90 13.52
N SER B 148 11.55 -44.77 12.21
CA SER B 148 10.41 -44.84 11.32
C SER B 148 9.88 -46.23 11.05
N HIS B 149 10.67 -47.25 11.41
CA HIS B 149 10.25 -48.64 11.25
C HIS B 149 9.02 -48.92 12.07
N HIS B 150 8.13 -49.78 11.59
CA HIS B 150 6.94 -50.15 12.34
C HIS B 150 7.26 -50.80 13.66
N ALA B 151 8.26 -51.69 13.62
CA ALA B 151 8.67 -52.43 14.79
C ALA B 151 9.60 -51.66 15.73
N ALA B 152 9.93 -50.41 15.39
CA ALA B 152 10.89 -49.64 16.15
C ALA B 152 10.64 -49.48 17.63
N ASN B 153 11.76 -49.49 18.35
CA ASN B 153 11.77 -49.15 19.79
C ASN B 153 12.36 -47.73 19.91
N GLY B 154 12.14 -47.05 21.03
CA GLY B 154 12.53 -45.66 21.23
C GLY B 154 11.34 -44.80 20.82
N ILE B 155 10.18 -45.45 20.72
CA ILE B 155 8.97 -44.84 20.33
C ILE B 155 8.13 -45.24 21.54
N SER B 156 7.29 -44.36 22.08
CA SER B 156 6.49 -44.70 23.24
C SER B 156 5.47 -45.79 22.95
N CYS B 157 4.76 -46.26 23.98
CA CYS B 157 3.74 -47.28 23.79
C CYS B 157 2.56 -46.75 22.98
N ASN B 158 2.23 -45.48 23.16
CA ASN B 158 1.12 -44.86 22.45
C ASN B 158 1.48 -44.73 21.00
N GLU B 159 2.66 -44.16 20.74
CA GLU B 159 3.17 -44.00 19.41
C GLU B 159 3.24 -45.33 18.65
N ALA B 160 3.82 -46.36 19.25
CA ALA B 160 3.84 -47.71 18.65
C ALA B 160 2.45 -48.27 18.42
N GLN B 161 1.54 -48.00 19.35
CA GLN B 161 0.16 -48.44 19.24
C GLN B 161 -0.57 -47.74 18.13
N ASN B 162 -0.25 -46.45 17.99
CA ASN B 162 -0.86 -45.63 16.97
C ASN B 162 -0.46 -46.11 15.60
N ARG B 163 0.81 -46.47 15.45
CA ARG B 163 1.31 -47.01 14.20
C ARG B 163 0.62 -48.30 13.85
N ARG B 164 0.41 -49.11 14.89
CA ARG B 164 -0.30 -50.36 14.76
C ARG B 164 -1.74 -50.19 14.31
N ARG B 165 -2.37 -49.13 14.82
CA ARG B 165 -3.74 -48.79 14.43
C ARG B 165 -3.84 -48.31 13.00
N LEU B 166 -2.87 -47.53 12.52
CA LEU B 166 -2.86 -47.09 11.13
C LEU B 166 -2.74 -48.33 10.28
N ARG B 167 -1.76 -49.15 10.63
CA ARG B 167 -1.46 -50.37 9.91
C ARG B 167 -2.64 -51.28 9.79
N SER B 168 -3.32 -51.47 10.91
CA SER B 168 -4.50 -52.32 10.96
C SER B 168 -5.65 -51.82 10.13
N ILE B 169 -5.83 -50.51 10.12
CA ILE B 169 -6.85 -49.87 9.28
C ILE B 169 -6.54 -50.09 7.81
N MET B 170 -5.26 -49.98 7.47
CA MET B 170 -4.82 -50.16 6.11
C MET B 170 -4.87 -51.62 5.71
N GLU B 171 -4.35 -52.54 6.51
CA GLU B 171 -4.40 -53.96 6.21
C GLU B 171 -5.81 -54.48 6.08
N ASN B 172 -6.73 -53.99 6.91
CA ASN B 172 -8.12 -54.38 6.83
C ASN B 172 -8.83 -53.73 5.66
N SER B 173 -8.14 -52.89 4.89
CA SER B 173 -8.77 -52.16 3.80
C SER B 173 -8.14 -52.47 2.47
N GLY B 174 -7.32 -53.52 2.41
CA GLY B 174 -6.74 -54.03 1.18
C GLY B 174 -5.35 -53.53 0.93
N PHE B 175 -4.65 -53.11 1.97
CA PHE B 175 -3.28 -52.68 1.86
C PHE B 175 -2.27 -53.59 2.51
N GLU B 176 -1.03 -53.45 2.07
CA GLU B 176 0.07 -54.14 2.66
C GLU B 176 0.96 -53.07 3.23
N ALA B 177 1.43 -53.27 4.46
CA ALA B 177 2.32 -52.31 5.10
C ALA B 177 3.75 -52.54 4.65
N TYR B 178 4.68 -51.78 5.20
CA TYR B 178 6.07 -51.91 4.86
C TYR B 178 6.71 -51.62 6.19
N SER B 179 7.53 -52.58 6.61
CA SER B 179 8.19 -52.51 7.90
C SER B 179 9.05 -51.31 8.16
N LEU B 180 9.75 -50.81 7.16
CA LEU B 180 10.70 -49.74 7.36
C LEU B 180 10.13 -48.35 7.43
N GLU B 181 8.86 -48.22 7.06
CA GLU B 181 8.19 -46.93 7.05
C GLU B 181 6.77 -47.09 7.52
N TRP B 182 6.43 -46.57 8.70
CA TRP B 182 5.10 -46.72 9.23
C TRP B 182 4.01 -46.08 8.41
N TRP B 183 4.39 -45.14 7.55
CA TRP B 183 3.44 -44.40 6.71
C TRP B 183 3.13 -44.98 5.34
N HIS B 184 3.95 -45.95 4.93
CA HIS B 184 3.87 -46.53 3.58
C HIS B 184 2.97 -47.71 3.51
N TYR B 185 2.09 -47.66 2.50
CA TYR B 185 1.12 -48.73 2.27
C TYR B 185 0.86 -48.91 0.81
N VAL B 186 0.83 -50.16 0.34
CA VAL B 186 0.60 -50.44 -1.06
C VAL B 186 -0.65 -51.26 -1.08
N LEU B 187 -1.44 -51.04 -2.13
CA LEU B 187 -2.61 -51.83 -2.38
C LEU B 187 -2.12 -53.26 -2.68
N ARG B 188 -2.77 -54.21 -2.00
CA ARG B 188 -2.40 -55.61 -2.09
C ARG B 188 -2.51 -56.21 -3.48
N ASP B 189 -3.63 -56.01 -4.14
CA ASP B 189 -3.79 -56.44 -5.52
C ASP B 189 -4.02 -55.18 -6.30
N GLU B 190 -2.89 -54.61 -6.72
CA GLU B 190 -2.89 -53.36 -7.44
C GLU B 190 -3.01 -53.58 -8.93
N PRO B 191 -3.71 -52.68 -9.63
CA PRO B 191 -3.96 -52.82 -11.08
C PRO B 191 -2.72 -52.82 -11.97
N TYR B 192 -1.62 -52.18 -11.56
CA TYR B 192 -0.46 -52.05 -12.42
C TYR B 192 0.82 -52.29 -11.62
N PRO B 193 1.05 -53.54 -11.18
CA PRO B 193 2.42 -53.90 -10.77
C PRO B 193 3.23 -53.89 -12.08
N ASN B 194 4.55 -53.85 -12.02
CA ASN B 194 5.37 -53.83 -13.26
C ASN B 194 5.18 -52.59 -14.13
N SER B 195 4.26 -51.67 -13.87
CA SER B 195 4.10 -50.46 -14.65
C SER B 195 4.53 -49.26 -13.84
N TYR B 196 5.59 -48.55 -14.22
CA TYR B 196 6.07 -47.41 -13.46
C TYR B 196 5.89 -46.20 -14.33
N PHE B 197 4.87 -45.42 -13.96
CA PHE B 197 4.46 -44.28 -14.76
C PHE B 197 5.25 -43.00 -14.58
N ASP B 198 5.15 -42.11 -15.58
CA ASP B 198 5.85 -40.83 -15.52
C ASP B 198 5.11 -39.64 -16.09
N PHE B 199 3.78 -39.64 -15.96
CA PHE B 199 3.01 -38.46 -16.26
C PHE B 199 3.09 -37.61 -14.97
N PRO B 200 3.05 -36.27 -15.11
CA PRO B 200 3.16 -35.39 -13.95
C PRO B 200 1.91 -35.39 -13.08
N VAL B 201 2.14 -35.07 -11.80
CA VAL B 201 1.03 -34.84 -10.88
C VAL B 201 0.66 -33.40 -11.21
N LYS B 202 -0.41 -33.35 -12.00
CA LYS B 202 -0.87 -32.12 -12.63
C LYS B 202 -2.38 -32.16 -12.92
N MET C 1 -19.30 -26.83 -5.82
CA MET C 1 -18.65 -25.53 -5.75
C MET C 1 -19.64 -24.42 -5.98
N GLU C 2 -19.65 -23.46 -5.06
CA GLU C 2 -20.51 -22.28 -5.16
C GLU C 2 -20.39 -21.53 -6.48
N ILE C 3 -21.45 -20.83 -6.87
CA ILE C 3 -21.45 -20.09 -8.10
C ILE C 3 -20.69 -18.80 -7.97
N GLY C 4 -19.93 -18.56 -9.02
CA GLY C 4 -19.06 -17.40 -9.16
C GLY C 4 -17.69 -17.66 -8.55
N PHE C 5 -17.58 -18.75 -7.80
CA PHE C 5 -16.30 -19.19 -7.26
C PHE C 5 -15.67 -20.36 -7.97
N THR C 6 -14.36 -20.49 -7.79
CA THR C 6 -13.60 -21.57 -8.39
C THR C 6 -12.42 -21.94 -7.51
N PHE C 7 -11.89 -23.15 -7.73
CA PHE C 7 -10.61 -23.54 -7.17
C PHE C 7 -9.63 -22.74 -8.00
N LEU C 8 -8.82 -21.87 -7.41
CA LEU C 8 -7.96 -21.00 -8.19
C LEU C 8 -6.94 -21.66 -9.11
N ASP C 9 -6.47 -22.86 -8.77
CA ASP C 9 -5.53 -23.62 -9.58
C ASP C 9 -6.18 -24.12 -10.87
N GLU C 10 -7.51 -24.25 -10.94
CA GLU C 10 -8.17 -24.65 -12.17
C GLU C 10 -8.22 -23.51 -13.18
N ILE C 11 -7.86 -22.29 -12.78
CA ILE C 11 -7.81 -21.15 -13.70
C ILE C 11 -6.36 -20.75 -13.83
N VAL C 12 -5.66 -20.65 -12.70
CA VAL C 12 -4.27 -20.21 -12.69
C VAL C 12 -3.46 -21.51 -12.62
N HIS C 13 -3.11 -22.08 -13.76
CA HIS C 13 -2.61 -23.43 -13.81
C HIS C 13 -1.32 -23.88 -13.22
N GLY C 14 -0.12 -23.35 -13.40
CA GLY C 14 1.09 -23.83 -12.75
C GLY C 14 1.29 -23.25 -11.35
N VAL C 15 0.24 -22.69 -10.76
CA VAL C 15 0.37 -21.97 -9.52
C VAL C 15 0.63 -22.94 -8.38
N ARG C 16 1.53 -22.53 -7.49
CA ARG C 16 1.82 -23.29 -6.30
C ARG C 16 0.84 -22.89 -5.20
N TRP C 17 0.43 -23.81 -4.33
CA TRP C 17 -0.40 -23.48 -3.22
C TRP C 17 -0.21 -24.43 -2.09
N ASP C 18 -0.63 -23.90 -0.95
CA ASP C 18 -0.52 -24.58 0.31
C ASP C 18 -1.58 -23.92 1.15
N ALA C 19 -2.76 -24.54 1.14
CA ALA C 19 -3.88 -24.09 1.91
C ALA C 19 -3.67 -24.33 3.38
N LYS C 20 -2.96 -23.32 3.87
CA LYS C 20 -2.53 -23.30 5.26
C LYS C 20 -3.60 -23.61 6.27
N TYR C 21 -4.82 -23.13 6.04
CA TYR C 21 -5.91 -23.34 6.97
C TYR C 21 -6.63 -24.68 6.79
N ALA C 22 -6.26 -25.43 5.76
CA ALA C 22 -6.76 -26.79 5.56
C ALA C 22 -5.75 -27.82 6.08
N THR C 23 -4.83 -27.26 6.86
CA THR C 23 -3.61 -27.92 7.22
C THR C 23 -3.40 -27.68 8.72
N TRP C 24 -2.49 -28.39 9.39
CA TRP C 24 -2.19 -28.13 10.79
C TRP C 24 -1.13 -27.04 10.95
N ASP C 25 -0.56 -26.55 9.86
CA ASP C 25 0.51 -25.60 9.90
C ASP C 25 0.01 -24.17 9.74
N ASN C 26 -0.78 -23.77 10.74
CA ASN C 26 -1.27 -22.41 10.82
C ASN C 26 -1.29 -22.04 12.28
N PHE C 27 -1.59 -20.80 12.62
CA PHE C 27 -1.52 -20.33 13.98
C PHE C 27 -2.50 -20.93 14.96
N THR C 28 -3.58 -21.57 14.53
CA THR C 28 -4.47 -22.27 15.45
C THR C 28 -3.96 -23.67 15.74
N GLY C 29 -3.04 -24.14 14.92
CA GLY C 29 -2.38 -25.44 15.08
C GLY C 29 -3.13 -26.64 14.54
N LYS C 30 -4.38 -26.43 14.11
CA LYS C 30 -5.22 -27.48 13.55
C LYS C 30 -5.77 -26.88 12.23
N PRO C 31 -6.44 -27.71 11.39
CA PRO C 31 -7.30 -27.23 10.30
C PRO C 31 -8.40 -26.35 10.80
N VAL C 32 -8.69 -25.30 10.04
CA VAL C 32 -9.67 -24.29 10.44
C VAL C 32 -11.01 -24.73 9.89
N ASP C 33 -12.05 -24.49 10.70
CA ASP C 33 -13.41 -24.85 10.33
C ASP C 33 -13.78 -24.14 9.04
N GLY C 34 -14.30 -24.93 8.12
CA GLY C 34 -14.75 -24.47 6.81
C GLY C 34 -13.78 -24.80 5.74
N TYR C 35 -12.57 -25.20 6.11
CA TYR C 35 -11.56 -25.63 5.12
C TYR C 35 -11.51 -27.14 5.13
N GLU C 36 -12.23 -27.75 4.21
CA GLU C 36 -12.31 -29.19 4.14
C GLU C 36 -11.43 -29.78 3.06
N VAL C 37 -10.79 -28.88 2.31
CA VAL C 37 -10.04 -29.26 1.12
C VAL C 37 -8.73 -28.50 1.09
N ASN C 38 -7.61 -29.08 0.68
CA ASN C 38 -6.35 -28.37 0.66
C ASN C 38 -6.26 -27.75 -0.70
N ARG C 39 -7.11 -26.75 -0.91
CA ARG C 39 -7.14 -25.99 -2.14
C ARG C 39 -7.45 -24.52 -1.84
N ILE C 40 -7.10 -23.66 -2.78
CA ILE C 40 -7.36 -22.25 -2.66
C ILE C 40 -8.57 -21.98 -3.52
N VAL C 41 -9.61 -21.46 -2.86
CA VAL C 41 -10.86 -21.15 -3.52
C VAL C 41 -10.89 -19.67 -3.65
N GLY C 42 -11.54 -19.21 -4.71
CA GLY C 42 -11.68 -17.81 -5.01
C GLY C 42 -12.71 -17.46 -6.04
N THR C 43 -12.98 -16.16 -6.08
CA THR C 43 -13.89 -15.59 -7.00
C THR C 43 -13.34 -15.72 -8.43
N TYR C 44 -14.11 -15.89 -9.50
CA TYR C 44 -13.55 -15.99 -10.85
C TYR C 44 -12.73 -14.80 -11.27
N GLU C 45 -13.10 -13.67 -10.69
CA GLU C 45 -12.42 -12.41 -10.97
C GLU C 45 -11.09 -12.39 -10.25
N LEU C 46 -11.01 -13.02 -9.08
CA LEU C 46 -9.75 -13.17 -8.36
C LEU C 46 -8.84 -14.04 -9.19
N ALA C 47 -9.38 -15.17 -9.63
CA ALA C 47 -8.63 -16.11 -10.47
C ALA C 47 -8.12 -15.44 -11.74
N GLU C 48 -9.00 -14.71 -12.43
CA GLU C 48 -8.59 -13.94 -13.62
C GLU C 48 -7.41 -13.01 -13.39
N SER C 49 -7.52 -12.19 -12.36
CA SER C 49 -6.47 -11.22 -12.02
C SER C 49 -5.27 -11.90 -11.41
N LEU C 50 -5.40 -13.01 -10.71
CA LEU C 50 -4.23 -13.76 -10.26
C LEU C 50 -3.49 -14.36 -11.44
N LEU C 51 -4.24 -14.68 -12.50
CA LEU C 51 -3.64 -15.21 -13.71
C LEU C 51 -2.80 -14.15 -14.36
N LYS C 52 -3.26 -12.90 -14.34
CA LYS C 52 -2.47 -11.77 -14.88
C LYS C 52 -1.27 -11.55 -14.00
N ALA C 53 -1.42 -11.73 -12.68
CA ALA C 53 -0.30 -11.61 -11.75
C ALA C 53 0.69 -12.72 -11.97
N LYS C 54 0.22 -13.94 -12.27
CA LYS C 54 1.12 -15.05 -12.62
C LYS C 54 1.88 -14.75 -13.91
N GLU C 55 1.15 -14.36 -14.96
CA GLU C 55 1.75 -13.95 -16.21
C GLU C 55 2.77 -12.84 -15.99
N LEU C 56 2.42 -11.84 -15.18
CA LEU C 56 3.30 -10.70 -14.92
C LEU C 56 4.43 -11.06 -14.02
N ALA C 57 4.23 -11.97 -13.07
CA ALA C 57 5.30 -12.40 -12.17
C ALA C 57 6.26 -13.29 -12.95
N ALA C 58 5.79 -14.06 -13.93
CA ALA C 58 6.69 -14.90 -14.73
C ALA C 58 7.71 -14.06 -15.57
N THR C 59 7.26 -13.02 -16.26
CA THR C 59 8.16 -12.17 -17.06
C THR C 59 9.26 -11.54 -16.23
N GLN C 60 9.07 -11.61 -14.91
CA GLN C 60 10.08 -11.21 -13.95
C GLN C 60 10.83 -12.38 -13.30
N GLY C 61 10.54 -13.62 -13.71
CA GLY C 61 11.19 -14.83 -13.20
C GLY C 61 10.72 -15.20 -11.81
N TYR C 62 9.41 -15.06 -11.59
CA TYR C 62 8.80 -15.37 -10.33
C TYR C 62 7.60 -16.24 -10.54
N GLY C 63 7.32 -17.10 -9.57
CA GLY C 63 6.08 -17.88 -9.52
C GLY C 63 5.33 -17.48 -8.27
N LEU C 64 4.03 -17.76 -8.25
CA LEU C 64 3.21 -17.46 -7.09
C LEU C 64 2.95 -18.69 -6.22
N LEU C 65 2.99 -18.49 -4.90
CA LEU C 65 2.62 -19.52 -3.97
C LEU C 65 1.45 -18.94 -3.21
N LEU C 66 0.28 -19.57 -3.34
CA LEU C 66 -0.94 -19.12 -2.71
C LEU C 66 -1.15 -19.83 -1.42
N TRP C 67 -1.55 -19.06 -0.41
CA TRP C 67 -1.79 -19.61 0.91
C TRP C 67 -3.22 -19.57 1.35
N ASP C 68 -4.03 -18.62 0.87
CA ASP C 68 -5.39 -18.51 1.28
C ASP C 68 -6.06 -17.51 0.39
N GLY C 69 -7.27 -17.88 -0.02
CA GLY C 69 -8.12 -17.09 -0.90
C GLY C 69 -9.43 -16.92 -0.15
N TYR C 70 -10.51 -17.44 -0.71
CA TYR C 70 -11.80 -17.41 -0.04
C TYR C 70 -11.73 -18.14 1.31
N ARG C 71 -12.24 -17.44 2.31
CA ARG C 71 -12.25 -17.91 3.67
C ARG C 71 -13.70 -17.84 4.19
N PRO C 72 -14.28 -18.99 4.56
CA PRO C 72 -15.65 -19.04 5.08
C PRO C 72 -15.82 -18.17 6.30
N LYS C 73 -16.98 -17.57 6.56
CA LYS C 73 -17.22 -16.83 7.78
C LYS C 73 -16.94 -17.66 9.00
N ARG C 74 -17.25 -18.96 8.94
CA ARG C 74 -17.01 -19.86 10.06
C ARG C 74 -15.54 -20.05 10.33
N ALA C 75 -14.70 -19.91 9.29
CA ALA C 75 -13.27 -19.91 9.46
C ALA C 75 -12.86 -18.70 10.28
N VAL C 76 -13.43 -17.57 9.91
CA VAL C 76 -13.21 -16.32 10.62
C VAL C 76 -13.70 -16.46 12.07
N ASN C 77 -14.86 -17.05 12.31
CA ASN C 77 -15.33 -17.30 13.67
C ASN C 77 -14.38 -18.22 14.42
N CYS C 78 -13.88 -19.24 13.73
CA CYS C 78 -12.91 -20.19 14.31
C CYS C 78 -11.63 -19.48 14.77
N PHE C 79 -11.14 -18.50 14.00
CA PHE C 79 -10.01 -17.72 14.42
C PHE C 79 -10.32 -16.88 15.65
N MET C 80 -11.51 -16.30 15.66
CA MET C 80 -11.95 -15.46 16.77
C MET C 80 -12.10 -16.28 18.03
N GLN C 81 -12.69 -17.46 17.91
CA GLN C 81 -12.78 -18.41 19.02
C GLN C 81 -11.41 -18.80 19.50
N TRP C 82 -10.45 -19.03 18.62
CA TRP C 82 -9.09 -19.40 19.00
C TRP C 82 -8.42 -18.27 19.75
N ALA C 83 -8.64 -17.04 19.28
CA ALA C 83 -8.01 -15.87 19.90
C ALA C 83 -8.55 -15.65 21.31
N ALA C 84 -9.76 -16.17 21.56
CA ALA C 84 -10.35 -16.14 22.87
C ALA C 84 -9.92 -17.30 23.79
N GLN C 85 -9.19 -18.30 23.31
CA GLN C 85 -8.76 -19.42 24.16
C GLN C 85 -7.53 -19.01 24.99
N PRO C 86 -7.29 -19.72 26.10
CA PRO C 86 -6.00 -19.66 26.81
C PRO C 86 -4.77 -20.03 26.02
N GLU C 87 -3.70 -19.31 26.36
CA GLU C 87 -2.43 -19.50 25.72
C GLU C 87 -1.67 -20.77 26.09
N ASN C 88 -1.64 -21.70 25.15
CA ASN C 88 -0.91 -22.96 25.31
C ASN C 88 0.52 -22.89 24.78
N ASN C 89 0.87 -21.70 24.30
CA ASN C 89 2.18 -21.44 23.67
C ASN C 89 2.64 -22.30 22.51
N LEU C 90 1.68 -23.05 21.98
CA LEU C 90 1.92 -23.97 20.89
C LEU C 90 2.44 -23.30 19.61
N THR C 91 1.81 -22.20 19.20
CA THR C 91 2.20 -21.51 17.96
C THR C 91 2.64 -20.07 18.20
N LYS C 92 2.77 -19.66 19.46
CA LYS C 92 3.16 -18.30 19.80
C LYS C 92 4.51 -17.89 19.23
N GLU C 93 5.58 -18.61 19.48
CA GLU C 93 6.89 -18.29 18.92
C GLU C 93 7.01 -18.00 17.44
N SER C 94 6.27 -18.79 16.68
CA SER C 94 6.34 -18.72 15.22
C SER C 94 5.43 -17.70 14.59
N TYR C 95 4.27 -17.56 15.21
CA TYR C 95 3.24 -16.72 14.68
C TYR C 95 2.95 -15.45 15.42
N TYR C 96 3.21 -15.30 16.71
CA TYR C 96 2.97 -14.04 17.38
C TYR C 96 3.75 -13.92 18.65
N PRO C 97 5.09 -13.94 18.56
CA PRO C 97 5.87 -13.44 19.68
C PRO C 97 5.63 -11.92 19.70
N ASN C 98 5.96 -11.27 20.81
CA ASN C 98 5.82 -9.79 20.94
C ASN C 98 4.39 -9.26 21.04
N ILE C 99 3.43 -10.00 20.51
CA ILE C 99 2.01 -9.61 20.55
C ILE C 99 1.32 -10.68 21.38
N ASP C 100 0.18 -10.24 21.90
CA ASP C 100 -0.57 -10.99 22.89
C ASP C 100 -1.85 -11.54 22.28
N ARG C 101 -2.54 -12.56 22.80
CA ARG C 101 -3.74 -13.05 22.14
C ARG C 101 -4.84 -12.03 22.38
N THR C 102 -5.08 -11.49 23.58
CA THR C 102 -6.09 -10.42 23.79
C THR C 102 -5.74 -9.23 22.90
N GLU C 103 -4.45 -8.97 22.67
CA GLU C 103 -4.02 -7.89 21.76
C GLU C 103 -4.25 -8.26 20.30
N MET C 104 -5.13 -9.21 19.98
CA MET C 104 -5.41 -9.59 18.61
C MET C 104 -6.67 -8.88 18.07
N ILE C 105 -7.62 -8.58 18.95
CA ILE C 105 -8.71 -7.66 18.63
C ILE C 105 -8.06 -6.30 18.94
N SER C 106 -7.36 -5.69 17.98
CA SER C 106 -6.76 -4.34 18.14
C SER C 106 -5.77 -3.90 17.06
N LYS C 107 -4.85 -4.80 16.68
CA LYS C 107 -3.74 -4.44 15.79
C LYS C 107 -3.89 -4.69 14.27
N GLY C 108 -5.04 -5.20 13.85
CA GLY C 108 -5.40 -5.38 12.43
C GLY C 108 -4.96 -6.63 11.70
N TYR C 109 -4.51 -7.64 12.45
CA TYR C 109 -4.06 -8.91 11.86
C TYR C 109 -5.19 -9.94 11.81
N VAL C 110 -5.98 -10.05 12.89
CA VAL C 110 -7.08 -11.00 12.93
C VAL C 110 -8.23 -10.61 11.99
N ALA C 111 -8.90 -9.48 12.18
CA ALA C 111 -10.19 -9.17 11.50
C ALA C 111 -11.42 -10.09 11.79
N SER C 112 -12.33 -9.61 12.62
CA SER C 112 -13.61 -10.29 12.91
C SER C 112 -14.57 -10.58 11.73
N LYS C 113 -14.34 -9.67 10.79
CA LYS C 113 -14.99 -9.68 9.49
C LYS C 113 -13.79 -9.61 8.54
N SER C 114 -13.71 -10.52 7.58
CA SER C 114 -12.58 -10.58 6.67
C SER C 114 -12.95 -10.37 5.24
N SER C 115 -12.09 -9.62 4.54
CA SER C 115 -12.23 -9.41 3.13
C SER C 115 -12.18 -10.71 2.34
N HIS C 116 -11.61 -11.71 2.99
CA HIS C 116 -11.46 -13.02 2.42
C HIS C 116 -12.74 -13.74 2.15
N SER C 117 -13.68 -13.47 3.05
CA SER C 117 -15.00 -14.05 2.98
C SER C 117 -15.76 -13.53 1.80
N ARG C 118 -15.31 -12.45 1.19
CA ARG C 118 -15.93 -11.92 0.01
C ARG C 118 -15.44 -12.59 -1.24
N GLY C 119 -14.36 -13.37 -1.14
CA GLY C 119 -13.86 -14.21 -2.21
C GLY C 119 -12.84 -13.64 -3.14
N SER C 120 -12.44 -12.39 -2.91
CA SER C 120 -11.51 -11.70 -3.78
C SER C 120 -10.24 -11.23 -3.17
N ALA C 121 -9.97 -11.76 -1.98
CA ALA C 121 -8.70 -11.50 -1.31
C ALA C 121 -7.81 -12.73 -1.40
N ILE C 122 -6.50 -12.52 -1.44
CA ILE C 122 -5.56 -13.61 -1.61
C ILE C 122 -4.32 -13.38 -0.78
N ASP C 123 -3.81 -14.49 -0.23
CA ASP C 123 -2.52 -14.50 0.45
C ASP C 123 -1.49 -15.24 -0.31
N LEU C 124 -0.34 -14.64 -0.59
CA LEU C 124 0.66 -15.26 -1.45
C LEU C 124 2.07 -14.72 -1.32
N THR C 125 3.03 -15.52 -1.80
CA THR C 125 4.40 -15.08 -2.01
C THR C 125 4.73 -15.38 -3.46
N LEU C 126 6.03 -15.10 -3.61
CA LEU C 126 6.73 -15.35 -4.86
C LEU C 126 7.74 -16.44 -4.55
N TYR C 127 8.06 -17.27 -5.53
CA TYR C 127 9.26 -18.07 -5.48
C TYR C 127 10.02 -17.78 -6.75
N ARG C 128 11.31 -18.08 -6.73
CA ARG C 128 12.17 -17.86 -7.90
C ARG C 128 11.85 -18.92 -8.91
N LEU C 129 11.59 -18.57 -10.17
CA LEU C 129 11.28 -19.56 -11.19
C LEU C 129 12.54 -20.37 -11.59
N ASP C 130 13.69 -19.73 -11.65
CA ASP C 130 14.91 -20.39 -12.05
C ASP C 130 15.45 -21.40 -11.06
N THR C 131 15.47 -20.89 -9.83
CA THR C 131 16.05 -21.55 -8.70
C THR C 131 15.04 -22.49 -7.99
N GLY C 132 13.75 -22.16 -8.14
CA GLY C 132 12.64 -22.88 -7.53
C GLY C 132 12.49 -22.63 -6.05
N GLU C 133 13.34 -21.77 -5.48
CA GLU C 133 13.29 -21.48 -4.06
C GLU C 133 12.39 -20.31 -3.69
N LEU C 134 11.94 -20.29 -2.45
CA LEU C 134 11.09 -19.21 -1.97
C LEU C 134 11.84 -17.88 -1.91
N VAL C 135 11.18 -16.83 -2.38
CA VAL C 135 11.74 -15.47 -2.31
C VAL C 135 11.63 -15.03 -0.84
N PRO C 136 12.77 -14.68 -0.20
CA PRO C 136 12.78 -14.29 1.22
C PRO C 136 12.10 -12.95 1.44
N MET C 137 11.17 -12.95 2.39
CA MET C 137 10.33 -11.81 2.65
C MET C 137 10.54 -11.32 4.06
N GLY C 138 11.31 -11.94 4.93
CA GLY C 138 11.63 -11.42 6.26
C GLY C 138 10.76 -11.90 7.37
N SER C 139 9.53 -12.26 7.05
CA SER C 139 8.62 -12.82 8.04
C SER C 139 7.76 -13.86 7.31
N ARG C 140 7.21 -14.78 8.10
CA ARG C 140 6.41 -15.86 7.59
C ARG C 140 4.97 -15.41 7.35
N PHE C 141 4.22 -16.17 6.56
CA PHE C 141 2.79 -16.00 6.42
C PHE C 141 2.16 -16.07 7.80
N ASP C 142 1.27 -15.12 8.05
CA ASP C 142 0.61 -14.99 9.35
C ASP C 142 1.55 -14.74 10.49
N PHE C 143 2.65 -14.03 10.26
CA PHE C 143 3.57 -13.71 11.32
C PHE C 143 2.94 -12.71 12.28
N MET C 144 2.02 -11.78 12.05
CA MET C 144 1.33 -11.10 13.18
C MET C 144 2.22 -10.27 14.08
N ASP C 145 2.99 -9.44 13.39
CA ASP C 145 4.00 -8.67 14.02
C ASP C 145 4.25 -7.46 13.17
N GLU C 146 4.87 -6.42 13.71
CA GLU C 146 5.21 -5.24 12.94
C GLU C 146 6.20 -5.52 11.83
N ARG C 147 6.83 -6.69 11.96
CA ARG C 147 7.77 -7.21 10.97
C ARG C 147 7.07 -7.54 9.67
N SER C 148 5.81 -7.96 9.76
CA SER C 148 5.03 -8.30 8.60
C SER C 148 4.51 -7.13 7.80
N HIS C 149 4.61 -5.92 8.36
CA HIS C 149 4.16 -4.71 7.69
C HIS C 149 4.95 -4.52 6.43
N HIS C 150 4.35 -4.01 5.36
CA HIS C 150 5.09 -3.69 4.16
C HIS C 150 6.21 -2.70 4.39
N ALA C 151 5.90 -1.65 5.14
CA ALA C 151 6.85 -0.59 5.42
C ALA C 151 7.86 -0.92 6.51
N ALA C 152 7.80 -2.12 7.06
CA ALA C 152 8.63 -2.51 8.18
C ALA C 152 10.14 -2.41 7.99
N ASN C 153 10.75 -2.03 9.12
CA ASN C 153 12.20 -2.01 9.24
C ASN C 153 12.56 -3.21 10.13
N GLY C 154 13.82 -3.63 10.10
CA GLY C 154 14.30 -4.83 10.78
C GLY C 154 14.18 -5.98 9.78
N ILE C 155 14.03 -5.61 8.52
CA ILE C 155 13.88 -6.55 7.45
C ILE C 155 15.03 -6.01 6.58
N SER C 156 15.82 -6.91 5.99
CA SER C 156 16.91 -6.50 5.12
C SER C 156 16.47 -5.76 3.86
N CYS C 157 17.41 -5.21 3.10
CA CYS C 157 17.10 -4.48 1.88
C CYS C 157 16.53 -5.38 0.82
N ASN C 158 17.01 -6.62 0.74
CA ASN C 158 16.49 -7.59 -0.24
C ASN C 158 15.07 -7.98 0.15
N GLU C 159 14.86 -8.35 1.41
CA GLU C 159 13.57 -8.72 1.90
C GLU C 159 12.56 -7.60 1.67
N ALA C 160 12.90 -6.35 1.98
CA ALA C 160 11.99 -5.22 1.79
C ALA C 160 11.69 -5.00 0.33
N GLN C 161 12.73 -5.20 -0.47
CA GLN C 161 12.65 -5.07 -1.92
C GLN C 161 11.79 -6.17 -2.52
N ASN C 162 11.88 -7.38 -1.96
CA ASN C 162 11.12 -8.49 -2.45
C ASN C 162 9.66 -8.24 -2.20
N ARG C 163 9.34 -7.72 -1.01
CA ARG C 163 7.95 -7.41 -0.65
C ARG C 163 7.36 -6.35 -1.58
N ARG C 164 8.23 -5.42 -1.95
CA ARG C 164 7.90 -4.38 -2.91
C ARG C 164 7.60 -4.95 -4.28
N ARG C 165 8.34 -5.99 -4.67
CA ARG C 165 8.14 -6.61 -5.96
C ARG C 165 6.88 -7.42 -5.98
N LEU C 166 6.53 -8.08 -4.88
CA LEU C 166 5.28 -8.82 -4.78
C LEU C 166 4.17 -7.78 -4.93
N ARG C 167 4.24 -6.74 -4.11
CA ARG C 167 3.24 -5.67 -4.11
C ARG C 167 3.01 -5.02 -5.47
N SER C 168 4.10 -4.69 -6.17
CA SER C 168 4.01 -4.14 -7.51
C SER C 168 3.40 -5.09 -8.51
N ILE C 169 3.75 -6.38 -8.47
CA ILE C 169 3.13 -7.38 -9.35
C ILE C 169 1.62 -7.42 -9.12
N MET C 170 1.23 -7.36 -7.85
CA MET C 170 -0.16 -7.39 -7.48
C MET C 170 -0.91 -6.11 -7.83
N GLU C 171 -0.35 -4.96 -7.48
CA GLU C 171 -0.95 -3.67 -7.85
C GLU C 171 -1.06 -3.49 -9.34
N ASN C 172 -0.05 -3.86 -10.12
CA ASN C 172 -0.18 -3.86 -11.59
C ASN C 172 -1.12 -4.90 -12.16
N SER C 173 -1.72 -5.74 -11.31
CA SER C 173 -2.55 -6.82 -11.77
C SER C 173 -3.96 -6.71 -11.25
N GLY C 174 -4.31 -5.55 -10.69
CA GLY C 174 -5.67 -5.22 -10.31
C GLY C 174 -5.92 -5.42 -8.84
N PHE C 175 -4.86 -5.44 -8.05
CA PHE C 175 -4.99 -5.65 -6.61
C PHE C 175 -4.62 -4.44 -5.81
N GLU C 176 -5.03 -4.50 -4.55
CA GLU C 176 -4.72 -3.47 -3.61
C GLU C 176 -4.00 -4.16 -2.49
N ALA C 177 -2.86 -3.62 -2.07
CA ALA C 177 -2.13 -4.19 -0.97
C ALA C 177 -2.77 -3.80 0.37
N TYR C 178 -2.11 -4.21 1.43
CA TYR C 178 -2.53 -3.90 2.77
C TYR C 178 -1.23 -3.75 3.50
N SER C 179 -1.08 -2.59 4.14
CA SER C 179 0.15 -2.23 4.81
C SER C 179 0.63 -3.10 5.89
N LEU C 180 -0.28 -3.67 6.67
CA LEU C 180 0.09 -4.44 7.82
C LEU C 180 0.56 -5.86 7.54
N GLU C 181 0.29 -6.35 6.32
CA GLU C 181 0.59 -7.74 5.96
C GLU C 181 1.08 -7.76 4.53
N TRP C 182 2.36 -8.03 4.33
CA TRP C 182 2.94 -8.04 3.02
C TRP C 182 2.38 -9.07 2.05
N TRP C 183 1.71 -10.08 2.60
CA TRP C 183 1.11 -11.18 1.80
C TRP C 183 -0.34 -10.97 1.36
N HIS C 184 -1.03 -10.00 1.98
CA HIS C 184 -2.46 -9.73 1.71
C HIS C 184 -2.72 -8.78 0.58
N TYR C 185 -3.62 -9.22 -0.30
CA TYR C 185 -4.01 -8.46 -1.47
C TYR C 185 -5.48 -8.63 -1.74
N VAL C 186 -6.18 -7.57 -2.10
CA VAL C 186 -7.61 -7.65 -2.38
C VAL C 186 -7.75 -7.14 -3.79
N LEU C 187 -8.71 -7.72 -4.51
CA LEU C 187 -8.98 -7.31 -5.85
C LEU C 187 -9.58 -5.92 -5.70
N ARG C 188 -9.09 -4.98 -6.51
CA ARG C 188 -9.51 -3.59 -6.43
C ARG C 188 -10.99 -3.42 -6.72
N ASP C 189 -11.53 -3.97 -7.79
CA ASP C 189 -12.95 -3.85 -8.07
C ASP C 189 -13.40 -5.29 -8.06
N GLU C 190 -13.80 -5.68 -6.86
CA GLU C 190 -14.21 -7.04 -6.62
C GLU C 190 -15.69 -7.19 -6.82
N PRO C 191 -16.11 -8.37 -7.33
CA PRO C 191 -17.52 -8.62 -7.62
C PRO C 191 -18.47 -8.54 -6.45
N TYR C 192 -18.02 -8.87 -5.25
CA TYR C 192 -18.89 -8.94 -4.10
C TYR C 192 -18.31 -8.27 -2.88
N PRO C 193 -18.19 -6.93 -2.90
CA PRO C 193 -17.95 -6.21 -1.62
C PRO C 193 -19.25 -6.33 -0.87
N ASN C 194 -19.32 -6.09 0.44
CA ASN C 194 -20.56 -6.25 1.19
C ASN C 194 -21.11 -7.67 1.22
N SER C 195 -20.58 -8.67 0.53
CA SER C 195 -21.07 -10.06 0.63
C SER C 195 -20.03 -10.92 1.32
N TYR C 196 -20.32 -11.46 2.50
CA TYR C 196 -19.37 -12.28 3.26
C TYR C 196 -19.90 -13.70 3.32
N PHE C 197 -19.33 -14.57 2.49
CA PHE C 197 -19.86 -15.91 2.28
C PHE C 197 -19.48 -16.91 3.34
N ASP C 198 -20.24 -18.00 3.43
CA ASP C 198 -19.97 -19.06 4.38
C ASP C 198 -20.19 -20.48 3.89
N PHE C 199 -19.96 -20.73 2.60
CA PHE C 199 -19.97 -22.08 2.08
C PHE C 199 -18.55 -22.58 2.33
N PRO C 200 -18.39 -23.89 2.57
CA PRO C 200 -17.08 -24.41 2.91
C PRO C 200 -16.14 -24.45 1.72
N VAL C 201 -14.84 -24.43 2.02
CA VAL C 201 -13.82 -24.68 1.04
C VAL C 201 -13.83 -26.21 0.96
N LYS C 202 -14.49 -26.65 -0.11
CA LYS C 202 -14.80 -28.05 -0.31
C LYS C 202 -14.99 -28.40 -1.79
N MET D 1 -17.79 24.79 13.02
CA MET D 1 -17.16 23.56 12.59
C MET D 1 -17.90 22.34 13.12
N GLU D 2 -18.22 21.41 12.23
CA GLU D 2 -18.87 20.16 12.58
C GLU D 2 -18.20 19.42 13.69
N ILE D 3 -18.98 18.63 14.43
CA ILE D 3 -18.47 17.88 15.54
C ILE D 3 -17.71 16.64 15.11
N GLY D 4 -16.54 16.48 15.74
CA GLY D 4 -15.60 15.39 15.48
C GLY D 4 -14.60 15.78 14.42
N PHE D 5 -14.83 16.92 13.79
CA PHE D 5 -13.94 17.44 12.78
C PHE D 5 -13.17 18.64 13.25
N THR D 6 -12.07 18.91 12.55
CA THR D 6 -11.22 20.04 12.85
C THR D 6 -10.51 20.51 11.59
N PHE D 7 -10.01 21.74 11.65
CA PHE D 7 -9.09 22.25 10.67
C PHE D 7 -7.80 21.55 11.03
N LEU D 8 -7.23 20.74 10.14
CA LEU D 8 -6.07 19.95 10.49
C LEU D 8 -4.85 20.72 10.97
N ASP D 9 -4.69 21.95 10.53
CA ASP D 9 -3.56 22.78 10.94
C ASP D 9 -3.65 23.22 12.38
N GLU D 10 -4.84 23.18 12.98
CA GLU D 10 -5.00 23.48 14.38
C GLU D 10 -4.55 22.32 15.28
N ILE D 11 -4.30 21.14 14.73
CA ILE D 11 -3.80 20.02 15.49
C ILE D 11 -2.37 19.77 15.00
N VAL D 12 -2.16 19.79 13.68
CA VAL D 12 -0.89 19.43 13.12
C VAL D 12 -0.27 20.79 12.80
N HIS D 13 0.44 21.37 13.76
CA HIS D 13 0.84 22.75 13.66
C HIS D 13 1.79 23.31 12.64
N GLY D 14 3.00 22.84 12.32
CA GLY D 14 3.84 23.44 11.28
C GLY D 14 3.53 22.89 9.88
N VAL D 15 2.38 22.25 9.72
CA VAL D 15 2.06 21.56 8.49
C VAL D 15 1.78 22.57 7.41
N ARG D 16 2.29 22.26 6.23
CA ARG D 16 2.02 23.09 5.05
C ARG D 16 0.70 22.65 4.38
N TRP D 17 -0.08 23.55 3.82
CA TRP D 17 -1.24 23.15 3.07
C TRP D 17 -1.54 24.15 2.00
N ASP D 18 -2.39 23.63 1.11
CA ASP D 18 -2.82 24.35 -0.06
C ASP D 18 -4.07 23.61 -0.44
N ALA D 19 -5.21 24.15 -0.02
CA ALA D 19 -6.48 23.55 -0.28
C ALA D 19 -6.86 23.83 -1.71
N LYS D 20 -6.34 22.91 -2.52
CA LYS D 20 -6.50 22.97 -3.95
C LYS D 20 -7.89 23.17 -4.44
N TYR D 21 -8.88 22.62 -3.76
CA TYR D 21 -10.26 22.72 -4.18
C TYR D 21 -10.95 23.97 -3.65
N ALA D 22 -10.28 24.73 -2.80
CA ALA D 22 -10.77 26.05 -2.36
C ALA D 22 -10.12 27.17 -3.18
N THR D 23 -9.52 26.68 -4.26
CA THR D 23 -8.56 27.46 -5.05
C THR D 23 -8.93 27.29 -6.54
N TRP D 24 -8.46 28.11 -7.47
CA TRP D 24 -8.72 27.89 -8.90
C TRP D 24 -7.72 26.89 -9.48
N ASP D 25 -6.71 26.50 -8.73
CA ASP D 25 -5.69 25.58 -9.21
C ASP D 25 -5.98 24.11 -8.95
N ASN D 26 -7.09 23.67 -9.53
CA ASN D 26 -7.45 22.27 -9.53
C ASN D 26 -7.98 21.91 -10.91
N PHE D 27 -8.32 20.65 -11.17
CA PHE D 27 -8.73 20.25 -12.49
C PHE D 27 -10.05 20.80 -12.98
N THR D 28 -10.93 21.32 -12.14
CA THR D 28 -12.15 21.93 -12.61
C THR D 28 -11.88 23.38 -13.03
N GLY D 29 -10.77 23.95 -12.57
CA GLY D 29 -10.34 25.30 -12.90
C GLY D 29 -10.91 26.40 -12.06
N LYS D 30 -11.87 26.06 -11.20
CA LYS D 30 -12.50 27.04 -10.29
C LYS D 30 -12.40 26.40 -8.89
N PRO D 31 -12.82 27.15 -7.83
CA PRO D 31 -13.10 26.54 -6.51
C PRO D 31 -14.25 25.57 -6.57
N VAL D 32 -14.13 24.47 -5.82
CA VAL D 32 -15.12 23.40 -5.84
C VAL D 32 -16.20 23.69 -4.81
N ASP D 33 -17.44 23.37 -5.17
CA ASP D 33 -18.58 23.60 -4.28
C ASP D 33 -18.37 22.84 -2.98
N GLY D 34 -18.53 23.58 -1.88
CA GLY D 34 -18.40 23.06 -0.53
C GLY D 34 -17.10 23.47 0.13
N TYR D 35 -16.17 24.00 -0.65
CA TYR D 35 -14.90 24.47 -0.13
C TYR D 35 -14.98 25.97 -0.11
N GLU D 36 -15.30 26.51 1.05
CA GLU D 36 -15.46 27.96 1.21
C GLU D 36 -14.29 28.59 1.91
N VAL D 37 -13.36 27.74 2.33
CA VAL D 37 -12.22 28.16 3.12
C VAL D 37 -10.97 27.45 2.58
N ASN D 38 -9.84 28.16 2.48
CA ASN D 38 -8.60 27.55 2.02
C ASN D 38 -7.95 26.94 3.24
N ARG D 39 -8.60 25.87 3.72
CA ARG D 39 -8.08 25.07 4.82
C ARG D 39 -8.36 23.61 4.59
N ILE D 40 -7.62 22.76 5.29
CA ILE D 40 -7.79 21.31 5.18
C ILE D 40 -8.52 20.92 6.45
N VAL D 41 -9.71 20.39 6.21
CA VAL D 41 -10.57 19.94 7.26
C VAL D 41 -10.45 18.46 7.34
N GLY D 42 -10.54 17.92 8.55
CA GLY D 42 -10.52 16.49 8.78
C GLY D 42 -11.02 16.07 10.10
N THR D 43 -11.16 14.76 10.20
CA THR D 43 -11.59 14.09 11.39
C THR D 43 -10.52 14.25 12.49
N TYR D 44 -10.81 14.36 13.79
CA TYR D 44 -9.77 14.45 14.81
C TYR D 44 -8.77 13.31 14.80
N GLU D 45 -9.25 12.14 14.38
CA GLU D 45 -8.42 10.95 14.32
C GLU D 45 -7.47 11.07 13.13
N LEU D 46 -7.93 11.71 12.05
CA LEU D 46 -7.06 11.98 10.90
C LEU D 46 -5.97 12.91 11.33
N ALA D 47 -6.38 13.98 12.01
CA ALA D 47 -5.43 14.96 12.55
C ALA D 47 -4.43 14.33 13.49
N GLU D 48 -4.89 13.51 14.43
CA GLU D 48 -4.00 12.76 15.32
C GLU D 48 -2.96 11.92 14.61
N SER D 49 -3.40 11.08 13.67
CA SER D 49 -2.49 10.25 12.91
C SER D 49 -1.67 11.08 11.95
N LEU D 50 -2.15 12.20 11.41
CA LEU D 50 -1.30 13.08 10.58
C LEU D 50 -0.17 13.70 11.39
N LEU D 51 -0.47 13.96 12.65
CA LEU D 51 0.50 14.48 13.57
C LEU D 51 1.61 13.45 13.80
N LYS D 52 1.25 12.17 13.87
CA LYS D 52 2.23 11.11 13.99
C LYS D 52 3.03 11.03 12.70
N ALA D 53 2.36 11.16 11.56
CA ALA D 53 3.04 11.19 10.27
C ALA D 53 3.98 12.37 10.16
N LYS D 54 3.61 13.52 10.67
CA LYS D 54 4.48 14.69 10.65
C LYS D 54 5.70 14.42 11.49
N GLU D 55 5.47 13.89 12.69
CA GLU D 55 6.55 13.59 13.62
C GLU D 55 7.46 12.55 12.99
N LEU D 56 6.87 11.60 12.28
CA LEU D 56 7.63 10.56 11.59
C LEU D 56 8.36 11.15 10.40
N ALA D 57 7.67 11.98 9.62
CA ALA D 57 8.24 12.60 8.43
C ALA D 57 9.42 13.46 8.77
N ALA D 58 9.37 14.15 9.90
CA ALA D 58 10.49 14.96 10.36
C ALA D 58 11.74 14.13 10.67
N THR D 59 11.58 12.91 11.19
CA THR D 59 12.70 11.97 11.39
C THR D 59 13.56 11.71 10.16
N GLN D 60 12.83 11.58 9.06
CA GLN D 60 13.41 11.31 7.74
C GLN D 60 13.75 12.55 6.94
N GLY D 61 13.58 13.71 7.57
CA GLY D 61 13.88 15.01 7.01
C GLY D 61 12.84 15.61 6.10
N TYR D 62 11.58 15.27 6.33
CA TYR D 62 10.50 15.72 5.47
C TYR D 62 9.46 16.46 6.26
N GLY D 63 8.79 17.37 5.56
CA GLY D 63 7.59 18.05 6.03
C GLY D 63 6.43 17.58 5.19
N LEU D 64 5.21 17.77 5.67
CA LEU D 64 4.02 17.39 4.93
C LEU D 64 3.38 18.59 4.31
N LEU D 65 2.89 18.44 3.08
CA LEU D 65 2.14 19.46 2.41
C LEU D 65 0.79 18.80 2.13
N LEU D 66 -0.27 19.31 2.76
CA LEU D 66 -1.61 18.76 2.60
C LEU D 66 -2.35 19.45 1.52
N TRP D 67 -3.10 18.69 0.74
CA TRP D 67 -3.85 19.25 -0.38
C TRP D 67 -5.34 19.11 -0.23
N ASP D 68 -5.80 18.08 0.46
CA ASP D 68 -7.21 17.86 0.63
C ASP D 68 -7.39 16.82 1.66
N GLY D 69 -8.35 17.06 2.56
CA GLY D 69 -8.75 16.15 3.64
C GLY D 69 -10.21 15.85 3.47
N TYR D 70 -11.04 16.34 4.38
CA TYR D 70 -12.49 16.18 4.27
C TYR D 70 -12.99 16.91 3.04
N ARG D 71 -13.83 16.19 2.31
CA ARG D 71 -14.41 16.69 1.09
C ARG D 71 -15.91 16.53 1.17
N PRO D 72 -16.67 17.63 1.06
CA PRO D 72 -18.13 17.55 1.11
C PRO D 72 -18.72 16.69 -0.01
N LYS D 73 -19.81 15.97 0.20
CA LYS D 73 -20.47 15.23 -0.89
C LYS D 73 -20.79 16.14 -2.04
N ARG D 74 -21.15 17.40 -1.81
CA ARG D 74 -21.44 18.34 -2.88
C ARG D 74 -20.17 18.64 -3.68
N ALA D 75 -18.99 18.50 -3.07
CA ALA D 75 -17.73 18.68 -3.78
C ALA D 75 -17.53 17.54 -4.76
N VAL D 76 -17.91 16.36 -4.27
CA VAL D 76 -17.87 15.15 -5.08
C VAL D 76 -18.88 15.27 -6.21
N ASN D 77 -20.06 15.83 -5.97
CA ASN D 77 -21.05 16.02 -7.02
C ASN D 77 -20.57 17.04 -8.03
N CYS D 78 -19.91 18.07 -7.53
CA CYS D 78 -19.32 19.10 -8.38
C CYS D 78 -18.30 18.50 -9.33
N PHE D 79 -17.48 17.56 -8.87
CA PHE D 79 -16.53 16.89 -9.74
C PHE D 79 -17.20 16.04 -10.79
N MET D 80 -18.27 15.39 -10.38
CA MET D 80 -19.06 14.54 -11.27
C MET D 80 -19.74 15.38 -12.33
N GLN D 81 -20.31 16.51 -11.92
CA GLN D 81 -20.89 17.45 -12.86
C GLN D 81 -19.86 17.99 -13.83
N TRP D 82 -18.65 18.30 -13.35
CA TRP D 82 -17.58 18.78 -14.22
C TRP D 82 -17.17 17.73 -15.24
N ALA D 83 -17.06 16.48 -14.82
CA ALA D 83 -16.65 15.41 -15.70
C ALA D 83 -17.68 15.18 -16.78
N ALA D 84 -18.91 15.59 -16.50
CA ALA D 84 -20.00 15.50 -17.48
C ALA D 84 -20.07 16.71 -18.40
N GLN D 85 -19.27 17.75 -18.21
CA GLN D 85 -19.29 18.91 -19.09
C GLN D 85 -18.42 18.70 -20.33
N PRO D 86 -18.64 19.51 -21.38
CA PRO D 86 -17.79 19.55 -22.56
C PRO D 86 -16.38 19.99 -22.35
N GLU D 87 -15.50 19.38 -23.12
CA GLU D 87 -14.10 19.62 -22.99
C GLU D 87 -13.67 20.94 -23.57
N ASN D 88 -13.35 21.85 -22.64
CA ASN D 88 -12.80 23.16 -23.00
C ASN D 88 -11.27 23.21 -23.06
N ASN D 89 -10.65 22.07 -22.81
CA ASN D 89 -9.19 21.91 -22.80
C ASN D 89 -8.38 22.81 -21.90
N LEU D 90 -9.10 23.44 -20.97
CA LEU D 90 -8.51 24.34 -20.01
C LEU D 90 -7.50 23.70 -19.05
N THR D 91 -7.85 22.54 -18.47
CA THR D 91 -6.97 21.83 -17.54
C THR D 91 -6.56 20.44 -18.01
N LYS D 92 -6.87 20.10 -19.26
CA LYS D 92 -6.57 18.78 -19.78
C LYS D 92 -5.09 18.47 -19.81
N GLU D 93 -4.24 19.30 -20.40
CA GLU D 93 -2.80 19.06 -20.41
C GLU D 93 -2.08 18.77 -19.11
N SER D 94 -2.49 19.49 -18.07
CA SER D 94 -1.87 19.36 -16.78
C SER D 94 -2.41 18.27 -15.90
N TYR D 95 -3.70 17.99 -16.00
CA TYR D 95 -4.33 17.07 -15.14
C TYR D 95 -4.77 15.82 -15.81
N TYR D 96 -5.04 15.70 -17.10
CA TYR D 96 -5.46 14.44 -17.68
C TYR D 96 -5.25 14.43 -19.16
N PRO D 97 -3.99 14.57 -19.61
CA PRO D 97 -3.65 14.16 -20.99
C PRO D 97 -3.77 12.63 -20.97
N ASN D 98 -3.83 12.03 -22.16
CA ASN D 98 -3.95 10.56 -22.29
C ASN D 98 -5.29 10.00 -21.87
N ILE D 99 -6.09 10.86 -21.26
CA ILE D 99 -7.37 10.46 -20.63
C ILE D 99 -8.48 11.51 -20.89
N ASP D 100 -9.73 11.07 -20.98
CA ASP D 100 -10.90 11.94 -21.16
C ASP D 100 -11.52 12.34 -19.84
N ARG D 101 -12.41 13.34 -19.73
CA ARG D 101 -13.10 13.63 -18.45
C ARG D 101 -13.95 12.45 -18.02
N THR D 102 -14.67 12.11 -19.09
CA THR D 102 -15.52 10.95 -19.12
C THR D 102 -14.91 9.71 -18.48
N GLU D 103 -13.78 9.30 -19.05
CA GLU D 103 -13.02 8.16 -18.55
C GLU D 103 -12.53 8.38 -17.13
N MET D 104 -12.48 9.62 -16.64
CA MET D 104 -12.07 9.90 -15.28
C MET D 104 -13.25 9.71 -14.32
N ILE D 105 -14.49 9.76 -14.80
CA ILE D 105 -15.64 9.28 -14.04
C ILE D 105 -15.46 7.75 -14.00
N SER D 106 -15.23 7.21 -15.21
CA SER D 106 -15.23 5.77 -15.44
C SER D 106 -14.05 4.89 -15.04
N LYS D 107 -12.81 5.37 -15.14
CA LYS D 107 -11.65 4.61 -14.66
C LYS D 107 -11.43 4.72 -13.16
N GLY D 108 -12.28 5.53 -12.53
CA GLY D 108 -12.30 5.75 -11.08
C GLY D 108 -11.24 6.72 -10.57
N TYR D 109 -11.09 7.83 -11.29
CA TYR D 109 -10.21 8.91 -10.86
C TYR D 109 -11.10 9.72 -9.94
N VAL D 110 -12.18 10.30 -10.45
CA VAL D 110 -13.19 10.91 -9.59
C VAL D 110 -14.32 9.91 -9.46
N ALA D 111 -14.35 9.37 -8.25
CA ALA D 111 -15.40 8.44 -7.88
C ALA D 111 -16.61 9.26 -7.48
N SER D 112 -17.79 8.70 -7.74
CA SER D 112 -19.04 9.32 -7.33
C SER D 112 -19.24 9.30 -5.83
N LYS D 113 -18.50 8.42 -5.16
CA LYS D 113 -18.55 8.33 -3.70
C LYS D 113 -17.09 8.37 -3.28
N SER D 114 -16.71 9.25 -2.36
CA SER D 114 -15.33 9.40 -1.98
C SER D 114 -15.10 9.16 -0.50
N SER D 115 -14.00 8.45 -0.24
CA SER D 115 -13.52 8.24 1.12
C SER D 115 -13.25 9.51 1.92
N HIS D 116 -13.04 10.56 1.12
CA HIS D 116 -12.81 11.89 1.65
C HIS D 116 -13.96 12.50 2.39
N SER D 117 -15.15 12.20 1.89
CA SER D 117 -16.37 12.62 2.53
C SER D 117 -16.58 12.00 3.88
N ARG D 118 -15.85 10.94 4.23
CA ARG D 118 -15.93 10.35 5.56
C ARG D 118 -15.01 11.06 6.53
N GLY D 119 -14.15 11.96 6.07
CA GLY D 119 -13.31 12.81 6.90
C GLY D 119 -11.94 12.30 7.34
N SER D 120 -11.60 11.07 6.95
CA SER D 120 -10.34 10.46 7.35
C SER D 120 -9.37 10.11 6.25
N ALA D 121 -9.61 10.65 5.05
CA ALA D 121 -8.69 10.51 3.94
C ALA D 121 -7.95 11.85 3.75
N ILE D 122 -6.72 11.76 3.25
CA ILE D 122 -5.87 12.91 3.09
C ILE D 122 -5.03 12.79 1.81
N ASP D 123 -4.86 13.95 1.17
CA ASP D 123 -3.94 14.10 0.03
C ASP D 123 -2.76 14.93 0.39
N LEU D 124 -1.55 14.43 0.20
CA LEU D 124 -0.36 15.11 0.63
C LEU D 124 0.91 14.69 -0.10
N THR D 125 1.93 15.54 0.04
CA THR D 125 3.31 15.20 -0.34
C THR D 125 4.14 15.50 0.85
N LEU D 126 5.42 15.32 0.48
CA LEU D 126 6.52 15.63 1.36
C LEU D 126 7.32 16.79 0.77
N TYR D 127 7.93 17.63 1.61
CA TYR D 127 8.91 18.56 1.13
C TYR D 127 10.13 18.32 1.99
N ARG D 128 11.29 18.72 1.48
CA ARG D 128 12.54 18.58 2.20
C ARG D 128 12.55 19.57 3.34
N LEU D 129 12.84 19.17 4.57
CA LEU D 129 12.87 20.11 5.70
C LEU D 129 14.13 20.98 5.60
N ASP D 130 15.26 20.45 5.15
CA ASP D 130 16.47 21.22 5.08
C ASP D 130 16.49 22.33 4.03
N THR D 131 16.08 21.83 2.88
CA THR D 131 16.14 22.56 1.64
C THR D 131 14.88 23.42 1.44
N GLY D 132 13.76 22.99 2.02
CA GLY D 132 12.46 23.65 1.92
C GLY D 132 11.74 23.38 0.62
N GLU D 133 12.35 22.63 -0.28
CA GLU D 133 11.77 22.34 -1.58
C GLU D 133 10.88 21.12 -1.61
N LEU D 134 9.99 21.06 -2.59
CA LEU D 134 9.11 19.92 -2.76
C LEU D 134 9.87 18.68 -3.20
N VAL D 135 9.56 17.57 -2.55
CA VAL D 135 10.14 16.27 -2.89
C VAL D 135 9.50 15.85 -4.22
N PRO D 136 10.32 15.59 -5.24
CA PRO D 136 9.80 15.23 -6.56
C PRO D 136 9.18 13.86 -6.60
N MET D 137 7.95 13.82 -7.10
CA MET D 137 7.16 12.59 -7.11
C MET D 137 6.83 12.15 -8.51
N GLY D 138 7.23 12.84 -9.56
CA GLY D 138 7.02 12.42 -10.94
C GLY D 138 5.73 12.83 -11.59
N SER D 139 4.70 13.07 -10.78
CA SER D 139 3.44 13.53 -11.31
C SER D 139 2.86 14.50 -10.30
N ARG D 140 1.95 15.35 -10.75
CA ARG D 140 1.36 16.37 -9.91
C ARG D 140 0.16 15.79 -9.16
N PHE D 141 -0.25 16.46 -8.09
CA PHE D 141 -1.52 16.15 -7.43
C PHE D 141 -2.64 16.20 -8.46
N ASP D 142 -3.47 15.17 -8.41
CA ASP D 142 -4.59 15.00 -9.32
C ASP D 142 -4.16 14.87 -10.75
N PHE D 143 -3.01 14.25 -10.99
CA PHE D 143 -2.55 14.05 -12.33
C PHE D 143 -3.42 13.03 -13.03
N MET D 144 -4.15 12.03 -12.53
CA MET D 144 -5.14 11.33 -13.36
C MET D 144 -4.59 10.61 -14.58
N ASP D 145 -3.55 9.84 -14.28
CA ASP D 145 -2.83 9.11 -15.27
C ASP D 145 -2.18 7.93 -14.60
N GLU D 146 -1.75 6.94 -15.39
CA GLU D 146 -1.07 5.76 -14.85
C GLU D 146 0.26 6.14 -14.22
N ARG D 147 0.72 7.32 -14.59
CA ARG D 147 1.93 7.90 -14.01
C ARG D 147 1.75 8.12 -12.50
N SER D 148 0.52 8.41 -12.09
CA SER D 148 0.21 8.69 -10.71
C SER D 148 0.12 7.47 -9.83
N HIS D 149 0.13 6.29 -10.44
CA HIS D 149 0.04 5.04 -9.70
C HIS D 149 1.26 4.87 -8.86
N HIS D 150 1.19 4.27 -7.68
CA HIS D 150 2.36 4.06 -6.84
C HIS D 150 3.42 3.20 -7.54
N ALA D 151 2.89 2.15 -8.17
CA ALA D 151 3.71 1.17 -8.86
C ALA D 151 4.17 1.58 -10.26
N ALA D 152 3.82 2.79 -10.68
CA ALA D 152 4.15 3.28 -12.00
C ALA D 152 5.61 3.31 -12.42
N ASN D 153 5.75 2.98 -13.70
CA ASN D 153 7.02 3.10 -14.41
C ASN D 153 6.95 4.32 -15.30
N GLY D 154 8.09 4.86 -15.71
CA GLY D 154 8.18 6.12 -16.46
C GLY D 154 8.36 7.23 -15.45
N ILE D 155 8.71 6.82 -14.23
CA ILE D 155 8.92 7.72 -13.13
C ILE D 155 10.36 7.32 -12.80
N SER D 156 11.26 8.26 -12.51
CA SER D 156 12.63 7.92 -12.20
C SER D 156 12.75 7.10 -10.91
N CYS D 157 13.96 6.66 -10.57
CA CYS D 157 14.17 5.86 -9.38
C CYS D 157 14.00 6.69 -8.12
N ASN D 158 14.38 7.97 -8.19
CA ASN D 158 14.24 8.88 -7.07
C ASN D 158 12.78 9.12 -6.84
N GLU D 159 12.08 9.50 -7.90
CA GLU D 159 10.66 9.76 -7.84
C GLU D 159 9.90 8.56 -7.27
N ALA D 160 10.18 7.36 -7.77
CA ALA D 160 9.53 6.13 -7.27
C ALA D 160 9.86 5.86 -5.83
N GLN D 161 11.12 6.08 -5.48
CA GLN D 161 11.58 5.97 -4.12
C GLN D 161 10.94 6.99 -3.17
N ASN D 162 10.74 8.21 -3.67
CA ASN D 162 10.13 9.27 -2.90
C ASN D 162 8.69 8.93 -2.58
N ARG D 163 7.97 8.38 -3.55
CA ARG D 163 6.60 7.95 -3.35
C ARG D 163 6.51 6.83 -2.34
N ARG D 164 7.50 5.93 -2.39
CA ARG D 164 7.62 4.85 -1.42
C ARG D 164 7.88 5.41 -0.03
N ARG D 165 8.67 6.47 0.11
CA ARG D 165 8.92 7.09 1.41
C ARG D 165 7.69 7.75 1.99
N LEU D 166 6.92 8.47 1.16
CA LEU D 166 5.67 9.05 1.59
C LEU D 166 4.79 7.93 2.08
N ARG D 167 4.62 6.89 1.26
CA ARG D 167 3.78 5.76 1.59
C ARG D 167 4.14 5.07 2.89
N SER D 168 5.43 4.84 3.10
CA SER D 168 5.92 4.23 4.31
C SER D 168 5.65 5.09 5.52
N ILE D 169 5.85 6.41 5.41
CA ILE D 169 5.57 7.31 6.52
C ILE D 169 4.09 7.23 6.90
N MET D 170 3.22 7.21 5.89
CA MET D 170 1.79 7.10 6.10
C MET D 170 1.35 5.76 6.64
N GLU D 171 1.81 4.65 6.05
CA GLU D 171 1.50 3.32 6.55
C GLU D 171 1.99 3.13 7.97
N ASN D 172 3.18 3.62 8.32
CA ASN D 172 3.68 3.52 9.69
C ASN D 172 2.96 4.45 10.64
N SER D 173 2.03 5.25 10.14
CA SER D 173 1.34 6.24 10.97
C SER D 173 -0.17 6.01 11.03
N GLY D 174 -0.61 4.84 10.62
CA GLY D 174 -2.00 4.40 10.71
C GLY D 174 -2.79 4.61 9.47
N PHE D 175 -2.13 4.76 8.32
CA PHE D 175 -2.81 4.96 7.07
C PHE D 175 -2.71 3.78 6.14
N GLU D 176 -3.60 3.80 5.16
CA GLU D 176 -3.60 2.82 4.12
C GLU D 176 -3.41 3.59 2.85
N ALA D 177 -2.51 3.17 1.96
CA ALA D 177 -2.29 3.85 0.69
C ALA D 177 -3.36 3.46 -0.30
N TYR D 178 -3.21 3.94 -1.53
CA TYR D 178 -4.11 3.56 -2.60
C TYR D 178 -3.18 3.52 -3.78
N SER D 179 -3.22 2.40 -4.50
CA SER D 179 -2.31 2.14 -5.60
C SER D 179 -2.37 3.10 -6.75
N LEU D 180 -3.56 3.63 -7.06
CA LEU D 180 -3.71 4.45 -8.22
C LEU D 180 -3.29 5.88 -8.09
N GLU D 181 -3.11 6.31 -6.84
CA GLU D 181 -2.78 7.69 -6.54
C GLU D 181 -1.74 7.74 -5.45
N TRP D 182 -0.51 8.13 -5.75
CA TRP D 182 0.54 8.16 -4.74
C TRP D 182 0.29 9.12 -3.57
N TRP D 183 -0.60 10.09 -3.79
CA TRP D 183 -0.94 11.10 -2.78
C TRP D 183 -2.06 10.76 -1.79
N HIS D 184 -2.88 9.77 -2.14
CA HIS D 184 -4.04 9.38 -1.36
C HIS D 184 -3.76 8.39 -0.25
N TYR D 185 -4.28 8.72 0.93
CA TYR D 185 -4.10 7.90 2.11
C TYR D 185 -5.36 7.98 2.96
N VAL D 186 -5.80 6.83 3.48
CA VAL D 186 -7.00 6.77 4.31
C VAL D 186 -6.54 6.20 5.62
N LEU D 187 -7.12 6.74 6.68
CA LEU D 187 -6.87 6.26 8.00
C LEU D 187 -7.40 4.82 8.01
N ARG D 188 -6.56 3.93 8.51
CA ARG D 188 -6.87 2.51 8.57
C ARG D 188 -8.11 2.17 9.41
N ASP D 189 -8.23 2.67 10.63
CA ASP D 189 -9.41 2.45 11.44
C ASP D 189 -9.94 3.84 11.68
N GLU D 190 -10.79 4.23 10.74
CA GLU D 190 -11.37 5.55 10.74
C GLU D 190 -12.68 5.57 11.49
N PRO D 191 -12.95 6.65 12.21
CA PRO D 191 -14.15 6.78 13.05
C PRO D 191 -15.49 6.65 12.33
N TYR D 192 -15.55 7.05 11.06
CA TYR D 192 -16.80 7.06 10.31
C TYR D 192 -16.63 6.46 8.91
N PRO D 193 -16.45 5.13 8.82
CA PRO D 193 -16.68 4.47 7.51
C PRO D 193 -18.19 4.50 7.32
N ASN D 194 -18.75 4.27 6.13
CA ASN D 194 -20.22 4.33 5.94
C ASN D 194 -20.86 5.69 6.25
N SER D 195 -20.16 6.71 6.73
CA SER D 195 -20.73 8.05 6.89
C SER D 195 -20.13 9.02 5.89
N TYR D 196 -20.89 9.55 4.94
CA TYR D 196 -20.35 10.46 3.94
C TYR D 196 -20.98 11.80 4.20
N PHE D 197 -20.19 12.70 4.78
CA PHE D 197 -20.70 13.99 5.21
C PHE D 197 -20.84 15.05 4.13
N ASP D 198 -21.63 16.09 4.41
CA ASP D 198 -21.84 17.18 3.48
C ASP D 198 -21.96 18.55 4.07
N PHE D 199 -21.27 18.80 5.19
CA PHE D 199 -21.15 20.11 5.72
C PHE D 199 -20.00 20.75 4.94
N PRO D 200 -20.04 22.09 4.75
CA PRO D 200 -19.01 22.76 3.96
C PRO D 200 -17.69 22.87 4.69
N VAL D 201 -16.63 23.01 3.90
CA VAL D 201 -15.31 23.30 4.44
C VAL D 201 -15.39 24.81 4.55
N LYS D 202 -15.62 25.15 5.82
CA LYS D 202 -15.94 26.52 6.21
C LYS D 202 -15.56 26.82 7.68
N MET E 1 -1.40 34.73 18.16
CA MET E 1 -1.60 35.80 17.20
C MET E 1 -1.30 37.15 17.83
N GLU E 2 -0.39 37.90 17.20
CA GLU E 2 -0.03 39.23 17.69
C GLU E 2 -1.23 40.14 17.96
N ILE E 3 -1.07 41.07 18.89
CA ILE E 3 -2.12 42.02 19.22
C ILE E 3 -2.28 43.10 18.16
N GLY E 4 -3.54 43.32 17.83
CA GLY E 4 -3.98 44.28 16.82
C GLY E 4 -4.11 43.63 15.47
N PHE E 5 -3.53 42.43 15.34
CA PHE E 5 -3.62 41.65 14.12
C PHE E 5 -4.62 40.49 14.18
N THR E 6 -5.03 40.05 13.00
CA THR E 6 -5.98 38.95 12.88
C THR E 6 -5.73 38.19 11.58
N PHE E 7 -6.28 36.98 11.51
CA PHE E 7 -6.34 36.23 10.27
C PHE E 7 -7.48 36.91 9.57
N LEU E 8 -7.26 37.48 8.39
CA LEU E 8 -8.27 38.28 7.72
C LEU E 8 -9.55 37.58 7.40
N ASP E 9 -9.50 36.26 7.21
CA ASP E 9 -10.69 35.46 6.89
C ASP E 9 -11.60 35.32 8.12
N GLU E 10 -11.09 35.50 9.34
CA GLU E 10 -11.91 35.48 10.53
C GLU E 10 -12.72 36.76 10.71
N ILE E 11 -12.45 37.81 9.92
CA ILE E 11 -13.26 39.02 9.93
C ILE E 11 -13.97 39.11 8.60
N VAL E 12 -13.26 38.87 7.51
CA VAL E 12 -13.83 38.99 6.17
C VAL E 12 -14.21 37.56 5.78
N HIS E 13 -15.43 37.13 6.11
CA HIS E 13 -15.78 35.73 6.02
C HIS E 13 -15.86 34.90 4.76
N GLY E 14 -16.52 35.24 3.66
CA GLY E 14 -16.51 34.43 2.45
C GLY E 14 -15.32 34.69 1.55
N VAL E 15 -14.31 35.38 2.07
CA VAL E 15 -13.19 35.81 1.25
C VAL E 15 -12.31 34.63 0.82
N ARG E 16 -11.92 34.67 -0.45
CA ARG E 16 -11.03 33.70 -1.01
C ARG E 16 -9.59 34.09 -0.71
N TRP E 17 -8.69 33.14 -0.43
CA TRP E 17 -7.30 33.45 -0.29
C TRP E 17 -6.45 32.29 -0.68
N ASP E 18 -5.22 32.72 -0.91
CA ASP E 18 -4.16 31.85 -1.36
C ASP E 18 -2.90 32.59 -0.96
N ALA E 19 -2.43 32.27 0.24
CA ALA E 19 -1.19 32.84 0.75
C ALA E 19 0.00 32.28 0.02
N LYS E 20 0.21 33.00 -1.07
CA LYS E 20 1.26 32.71 -2.01
C LYS E 20 2.61 32.48 -1.42
N TYR E 21 2.96 33.23 -0.37
CA TYR E 21 4.25 33.11 0.24
C TYR E 21 4.33 32.02 1.29
N ALA E 22 3.19 31.40 1.59
CA ALA E 22 3.16 30.21 2.46
C ALA E 22 3.13 28.91 1.64
N THR E 23 3.49 29.12 0.37
CA THR E 23 3.22 28.19 -0.70
C THR E 23 4.46 28.13 -1.56
N TRP E 24 4.64 27.13 -2.43
CA TRP E 24 5.80 27.09 -3.32
C TRP E 24 5.52 27.89 -4.58
N ASP E 25 4.28 28.35 -4.76
CA ASP E 25 3.89 29.08 -5.94
C ASP E 25 4.08 30.56 -5.80
N ASN E 26 5.33 30.95 -5.60
CA ASN E 26 5.72 32.35 -5.62
C ASN E 26 7.05 32.49 -6.36
N PHE E 27 7.53 33.71 -6.58
CA PHE E 27 8.75 33.90 -7.34
C PHE E 27 10.02 33.38 -6.71
N THR E 28 10.08 33.04 -5.43
CA THR E 28 11.27 32.43 -4.85
C THR E 28 11.23 30.93 -5.04
N GLY E 29 10.04 30.40 -5.36
CA GLY E 29 9.81 28.99 -5.65
C GLY E 29 9.65 28.08 -4.47
N LYS E 30 9.82 28.63 -3.27
CA LYS E 30 9.62 27.87 -2.02
C LYS E 30 8.72 28.77 -1.17
N PRO E 31 8.22 28.26 -0.01
CA PRO E 31 7.64 29.12 1.05
C PRO E 31 8.65 30.11 1.58
N VAL E 32 8.15 31.33 1.82
CA VAL E 32 8.97 32.43 2.29
C VAL E 32 9.07 32.38 3.81
N ASP E 33 10.27 32.69 4.32
CA ASP E 33 10.54 32.72 5.76
C ASP E 33 9.59 33.69 6.43
N GLY E 34 9.00 33.23 7.53
CA GLY E 34 8.00 33.96 8.29
C GLY E 34 6.58 33.60 7.99
N TYR E 35 6.35 32.89 6.89
CA TYR E 35 5.02 32.42 6.54
C TYR E 35 4.91 30.96 6.87
N GLU E 36 4.37 30.67 8.07
CA GLU E 36 4.25 29.30 8.54
C GLU E 36 2.85 28.74 8.39
N VAL E 37 1.95 29.57 7.88
CA VAL E 37 0.55 29.22 7.81
C VAL E 37 0.02 29.72 6.48
N ASN E 38 -0.88 29.00 5.82
CA ASN E 38 -1.40 29.43 4.55
C ASN E 38 -2.64 30.21 4.88
N ARG E 39 -2.41 31.37 5.48
CA ARG E 39 -3.48 32.33 5.79
C ARG E 39 -2.99 33.72 5.53
N ILE E 40 -3.95 34.63 5.41
CA ILE E 40 -3.65 36.05 5.20
C ILE E 40 -3.87 36.71 6.55
N VAL E 41 -2.78 37.30 7.04
CA VAL E 41 -2.81 37.97 8.32
C VAL E 41 -2.85 39.45 8.00
N GLY E 42 -3.50 40.19 8.89
CA GLY E 42 -3.61 41.63 8.78
C GLY E 42 -4.01 42.34 10.01
N THR E 43 -3.83 43.65 9.95
CA THR E 43 -4.26 44.56 10.96
C THR E 43 -5.81 44.54 11.08
N TYR E 44 -6.44 44.66 12.24
CA TYR E 44 -7.91 44.71 12.33
C TYR E 44 -8.56 45.79 11.48
N GLU E 45 -7.84 46.91 11.31
CA GLU E 45 -8.32 47.99 10.48
C GLU E 45 -8.28 47.60 9.01
N LEU E 46 -7.30 46.78 8.63
CA LEU E 46 -7.20 46.25 7.27
C LEU E 46 -8.40 45.36 7.06
N ALA E 47 -8.61 44.44 8.00
CA ALA E 47 -9.73 43.52 7.96
C ALA E 47 -11.07 44.24 7.85
N GLU E 48 -11.28 45.25 8.70
CA GLU E 48 -12.46 46.12 8.65
C GLU E 48 -12.71 46.75 7.28
N SER E 49 -11.70 47.44 6.73
CA SER E 49 -11.81 48.04 5.40
C SER E 49 -11.84 46.99 4.28
N LEU E 50 -11.21 45.83 4.40
CA LEU E 50 -11.37 44.78 3.41
C LEU E 50 -12.79 44.27 3.40
N LEU E 51 -13.41 44.26 4.58
CA LEU E 51 -14.80 43.86 4.70
C LEU E 51 -15.73 44.82 3.98
N LYS E 52 -15.42 46.12 4.05
CA LYS E 52 -16.15 47.13 3.26
C LYS E 52 -15.90 46.94 1.76
N ALA E 53 -14.67 46.59 1.40
CA ALA E 53 -14.32 46.32 0.00
C ALA E 53 -15.02 45.10 -0.54
N LYS E 54 -15.09 44.03 0.27
CA LYS E 54 -15.75 42.79 -0.13
C LYS E 54 -17.15 43.00 -0.62
N GLU E 55 -17.81 43.72 0.27
CA GLU E 55 -19.19 44.03 0.13
C GLU E 55 -19.41 45.06 -0.94
N LEU E 56 -18.56 46.07 -1.13
CA LEU E 56 -18.71 47.02 -2.24
C LEU E 56 -18.38 46.31 -3.54
N ALA E 57 -17.43 45.38 -3.50
CA ALA E 57 -17.14 44.53 -4.66
C ALA E 57 -18.33 43.66 -5.02
N ALA E 58 -19.05 43.16 -4.01
CA ALA E 58 -20.21 42.30 -4.24
C ALA E 58 -21.33 42.94 -5.04
N THR E 59 -21.55 44.22 -4.75
CA THR E 59 -22.60 45.01 -5.43
C THR E 59 -22.39 45.18 -6.94
N GLN E 60 -21.14 44.84 -7.27
CA GLN E 60 -20.67 44.91 -8.65
C GLN E 60 -20.40 43.53 -9.20
N GLY E 61 -20.82 42.52 -8.44
CA GLY E 61 -20.72 41.12 -8.80
C GLY E 61 -19.31 40.57 -8.74
N TYR E 62 -18.55 41.01 -7.75
CA TYR E 62 -17.16 40.61 -7.62
C TYR E 62 -16.90 40.08 -6.22
N GLY E 63 -15.99 39.12 -6.09
CA GLY E 63 -15.50 38.61 -4.81
C GLY E 63 -14.03 38.92 -4.78
N LEU E 64 -13.43 38.87 -3.59
CA LEU E 64 -12.02 39.18 -3.45
C LEU E 64 -11.21 37.91 -3.23
N LEU E 65 -10.05 37.85 -3.88
CA LEU E 65 -9.08 36.79 -3.67
C LEU E 65 -7.85 37.48 -3.09
N LEU E 66 -7.50 37.17 -1.85
CA LEU E 66 -6.38 37.77 -1.20
C LEU E 66 -5.16 36.88 -1.36
N TRP E 67 -4.01 37.51 -1.55
CA TRP E 67 -2.78 36.81 -1.79
C TRP E 67 -1.76 37.06 -0.73
N ASP E 68 -1.79 38.23 -0.12
CA ASP E 68 -0.80 38.58 0.89
C ASP E 68 -1.27 39.81 1.58
N GLY E 69 -1.11 39.80 2.90
CA GLY E 69 -1.47 40.92 3.77
C GLY E 69 -0.23 41.27 4.57
N TYR E 70 -0.28 41.09 5.89
CA TYR E 70 0.91 41.25 6.71
C TYR E 70 2.04 40.30 6.24
N ARG E 71 3.21 40.92 6.10
CA ARG E 71 4.40 40.23 5.69
C ARG E 71 5.51 40.52 6.72
N PRO E 72 6.05 39.48 7.37
CA PRO E 72 7.13 39.67 8.35
C PRO E 72 8.36 40.33 7.75
N LYS E 73 9.13 41.10 8.51
CA LYS E 73 10.38 41.66 8.00
C LYS E 73 11.29 40.57 7.49
N ARG E 74 11.35 39.43 8.17
CA ARG E 74 12.17 38.31 7.71
C ARG E 74 11.72 37.79 6.35
N ALA E 75 10.43 37.91 6.02
CA ALA E 75 9.93 37.56 4.70
C ALA E 75 10.50 38.52 3.67
N VAL E 76 10.56 39.79 4.04
CA VAL E 76 11.15 40.82 3.21
C VAL E 76 12.66 40.57 3.04
N ASN E 77 13.36 40.16 4.10
CA ASN E 77 14.78 39.83 4.00
C ASN E 77 14.95 38.63 3.10
N CYS E 78 14.06 37.66 3.23
CA CYS E 78 14.11 36.44 2.42
C CYS E 78 14.00 36.76 0.92
N PHE E 79 13.11 37.68 0.56
CA PHE E 79 13.02 38.16 -0.80
C PHE E 79 14.29 38.85 -1.25
N MET E 80 14.88 39.67 -0.38
CA MET E 80 16.13 40.37 -0.69
C MET E 80 17.28 39.38 -0.86
N GLN E 81 17.36 38.38 0.01
CA GLN E 81 18.37 37.31 -0.11
C GLN E 81 18.18 36.58 -1.42
N TRP E 82 16.93 36.32 -1.80
CA TRP E 82 16.64 35.61 -3.04
C TRP E 82 17.05 36.43 -4.24
N ALA E 83 16.81 37.74 -4.20
CA ALA E 83 17.15 38.60 -5.31
C ALA E 83 18.65 38.70 -5.48
N ALA E 84 19.40 38.40 -4.42
CA ALA E 84 20.86 38.37 -4.48
C ALA E 84 21.41 37.00 -4.89
N GLN E 85 20.61 35.94 -5.04
CA GLN E 85 21.12 34.64 -5.47
C GLN E 85 21.32 34.61 -6.97
N PRO E 86 22.17 33.69 -7.46
CA PRO E 86 22.27 33.39 -8.89
C PRO E 86 20.99 32.91 -9.55
N GLU E 87 20.87 33.28 -10.82
CA GLU E 87 19.73 32.94 -11.60
C GLU E 87 19.64 31.49 -12.08
N ASN E 88 18.72 30.76 -11.45
CA ASN E 88 18.44 29.38 -11.81
C ASN E 88 17.35 29.19 -12.86
N ASN E 89 16.81 30.33 -13.28
CA ASN E 89 15.71 30.38 -14.25
C ASN E 89 14.43 29.61 -13.96
N LEU E 90 14.34 29.22 -12.70
CA LEU E 90 13.19 28.49 -12.21
C LEU E 90 11.88 29.25 -12.28
N THR E 91 11.86 30.51 -11.84
CA THR E 91 10.64 31.30 -11.86
C THR E 91 10.75 32.55 -12.72
N LYS E 92 11.84 32.69 -13.47
CA LYS E 92 12.04 33.83 -14.34
C LYS E 92 10.96 34.06 -15.39
N GLU E 93 10.64 33.09 -16.24
CA GLU E 93 9.58 33.23 -17.22
C GLU E 93 8.20 33.70 -16.78
N SER E 94 7.80 33.24 -15.60
CA SER E 94 6.48 33.53 -15.10
C SER E 94 6.40 34.82 -14.33
N TYR E 95 7.45 35.11 -13.58
CA TYR E 95 7.45 36.24 -12.72
C TYR E 95 8.28 37.41 -13.13
N TYR E 96 9.31 37.28 -13.94
CA TYR E 96 10.12 38.41 -14.33
C TYR E 96 10.95 38.11 -15.56
N PRO E 97 10.27 37.81 -16.68
CA PRO E 97 10.94 37.98 -17.99
C PRO E 97 11.14 39.49 -18.16
N ASN E 98 12.02 39.86 -19.08
CA ASN E 98 12.30 41.28 -19.41
C ASN E 98 13.11 42.02 -18.39
N ILE E 99 13.26 41.53 -17.16
CA ILE E 99 14.31 42.02 -16.26
C ILE E 99 15.09 40.80 -15.81
N ASP E 100 16.33 41.01 -15.38
CA ASP E 100 17.18 39.95 -14.89
C ASP E 100 17.12 40.15 -13.41
N ARG E 101 17.38 39.14 -12.59
CA ARG E 101 17.31 39.31 -11.15
C ARG E 101 18.25 40.42 -10.64
N THR E 102 19.28 40.77 -11.41
CA THR E 102 20.17 41.89 -11.08
C THR E 102 19.49 43.29 -11.11
N GLU E 103 18.53 43.40 -12.02
CA GLU E 103 17.69 44.61 -12.14
C GLU E 103 16.63 44.80 -11.03
N MET E 104 16.20 43.70 -10.41
CA MET E 104 15.18 43.72 -9.32
C MET E 104 15.24 44.74 -8.19
N ILE E 105 16.36 44.84 -7.46
CA ILE E 105 16.51 45.83 -6.37
C ILE E 105 16.78 47.23 -6.96
N SER E 106 17.23 47.29 -8.21
CA SER E 106 17.55 48.55 -8.89
C SER E 106 16.30 49.24 -9.43
N LYS E 107 15.43 48.36 -9.93
CA LYS E 107 14.12 48.77 -10.44
C LYS E 107 12.98 48.84 -9.42
N GLY E 108 13.20 48.60 -8.13
CA GLY E 108 12.18 48.70 -7.08
C GLY E 108 11.13 47.56 -7.00
N TYR E 109 11.42 46.44 -7.66
CA TYR E 109 10.52 45.29 -7.68
C TYR E 109 10.57 44.53 -6.39
N VAL E 110 11.80 44.41 -5.92
CA VAL E 110 12.09 43.87 -4.61
C VAL E 110 12.81 45.04 -3.93
N ALA E 111 12.28 45.33 -2.75
CA ALA E 111 12.79 46.40 -1.94
C ALA E 111 13.00 45.88 -0.53
N SER E 112 13.77 46.74 0.12
CA SER E 112 14.32 46.47 1.44
C SER E 112 13.34 46.68 2.59
N LYS E 113 12.26 47.43 2.38
CA LYS E 113 11.32 47.77 3.45
C LYS E 113 9.95 47.71 2.78
N SER E 114 8.98 47.04 3.40
CA SER E 114 7.67 46.88 2.80
C SER E 114 6.54 47.37 3.70
N SER E 115 5.60 48.06 3.04
CA SER E 115 4.37 48.51 3.69
C SER E 115 3.55 47.37 4.30
N HIS E 116 3.82 46.18 3.77
CA HIS E 116 3.19 44.97 4.25
C HIS E 116 3.51 44.60 5.66
N SER E 117 4.76 44.85 6.04
CA SER E 117 5.22 44.62 7.38
C SER E 117 4.54 45.48 8.39
N ARG E 118 3.87 46.55 7.97
CA ARG E 118 3.11 47.40 8.87
C ARG E 118 1.72 46.83 9.11
N GLY E 119 1.31 45.80 8.38
CA GLY E 119 0.05 45.08 8.61
C GLY E 119 -1.20 45.55 7.91
N SER E 120 -1.10 46.66 7.16
CA SER E 120 -2.29 47.24 6.51
C SER E 120 -2.26 47.35 5.01
N ALA E 121 -1.34 46.59 4.42
CA ALA E 121 -1.26 46.48 2.98
C ALA E 121 -1.79 45.11 2.56
N ILE E 122 -2.46 45.05 1.42
CA ILE E 122 -3.06 43.82 0.94
C ILE E 122 -2.86 43.63 -0.57
N ASP E 123 -2.65 42.37 -0.94
CA ASP E 123 -2.61 41.95 -2.35
C ASP E 123 -3.79 41.14 -2.72
N LEU E 124 -4.52 41.52 -3.77
CA LEU E 124 -5.74 40.86 -4.12
C LEU E 124 -6.20 41.02 -5.54
N THR E 125 -7.12 40.14 -5.95
CA THR E 125 -7.88 40.33 -7.19
C THR E 125 -9.32 40.21 -6.83
N LEU E 126 -10.02 40.25 -7.96
CA LEU E 126 -11.43 40.05 -7.99
C LEU E 126 -11.71 38.74 -8.70
N TYR E 127 -12.76 38.01 -8.32
CA TYR E 127 -13.29 36.98 -9.16
C TYR E 127 -14.75 37.26 -9.40
N ARG E 128 -15.35 36.67 -10.43
CA ARG E 128 -16.74 36.92 -10.76
C ARG E 128 -17.57 36.16 -9.76
N LEU E 129 -18.56 36.77 -9.13
CA LEU E 129 -19.42 36.09 -8.17
C LEU E 129 -20.36 35.14 -8.87
N ASP E 130 -20.92 35.52 -10.02
CA ASP E 130 -21.82 34.67 -10.75
C ASP E 130 -21.21 33.40 -11.36
N THR E 131 -20.11 33.68 -12.02
CA THR E 131 -19.40 32.74 -12.83
C THR E 131 -18.39 31.94 -11.98
N GLY E 132 -17.92 32.55 -10.89
CA GLY E 132 -16.91 31.98 -9.99
C GLY E 132 -15.49 32.04 -10.53
N GLU E 133 -15.32 32.52 -11.76
CA GLU E 133 -13.99 32.61 -12.39
C GLU E 133 -13.20 33.86 -12.04
N LEU E 134 -11.88 33.78 -12.16
CA LEU E 134 -11.02 34.91 -11.92
C LEU E 134 -11.24 36.01 -12.97
N VAL E 135 -11.30 37.25 -12.49
CA VAL E 135 -11.44 38.42 -13.37
C VAL E 135 -10.04 38.60 -13.98
N PRO E 136 -9.94 38.56 -15.32
CA PRO E 136 -8.67 38.75 -16.03
C PRO E 136 -8.09 40.17 -15.89
N MET E 137 -6.85 40.19 -15.42
CA MET E 137 -6.15 41.42 -15.14
C MET E 137 -4.96 41.62 -16.03
N GLY E 138 -4.61 40.71 -16.93
CA GLY E 138 -3.53 40.89 -17.90
C GLY E 138 -2.16 40.42 -17.48
N SER E 139 -1.92 40.43 -16.18
CA SER E 139 -0.68 39.95 -15.64
C SER E 139 -1.00 39.23 -14.32
N ARG E 140 -0.07 38.35 -13.94
CA ARG E 140 -0.21 37.57 -12.73
C ARG E 140 0.25 38.34 -11.50
N PHE E 141 -0.18 37.91 -10.31
CA PHE E 141 0.35 38.42 -9.07
C PHE E 141 1.86 38.24 -9.08
N ASP E 142 2.50 39.32 -8.63
CA ASP E 142 3.95 39.41 -8.61
C ASP E 142 4.60 39.28 -9.99
N PHE E 143 3.92 39.70 -11.05
CA PHE E 143 4.48 39.63 -12.36
C PHE E 143 5.65 40.57 -12.47
N MET E 144 5.95 41.70 -11.82
CA MET E 144 7.32 42.28 -11.90
C MET E 144 7.78 42.72 -13.29
N ASP E 145 6.86 43.47 -13.88
CA ASP E 145 6.98 43.94 -15.23
C ASP E 145 6.14 45.18 -15.38
N GLU E 146 6.41 45.96 -16.43
CA GLU E 146 5.65 47.16 -16.71
C GLU E 146 4.21 46.87 -17.06
N ARG E 147 4.00 45.60 -17.37
CA ARG E 147 2.67 45.06 -17.62
C ARG E 147 1.80 45.09 -16.37
N SER E 148 2.42 45.00 -15.19
CA SER E 148 1.71 45.00 -13.93
C SER E 148 1.29 46.35 -13.47
N HIS E 149 1.81 47.40 -14.10
CA HIS E 149 1.47 48.77 -13.75
C HIS E 149 -0.01 48.99 -13.94
N HIS E 150 -0.65 49.82 -13.14
CA HIS E 150 -2.07 50.14 -13.34
C HIS E 150 -2.34 50.78 -14.68
N ALA E 151 -1.42 51.68 -15.01
CA ALA E 151 -1.56 52.46 -16.21
C ALA E 151 -1.05 51.77 -17.47
N ALA E 152 -0.60 50.52 -17.33
CA ALA E 152 0.03 49.80 -18.43
C ALA E 152 -0.77 49.64 -19.70
N ASN E 153 -0.01 49.71 -20.78
CA ASN E 153 -0.54 49.41 -22.11
C ASN E 153 0.03 48.03 -22.48
N GLY E 154 -0.60 47.34 -23.43
CA GLY E 154 -0.27 45.96 -23.78
C GLY E 154 -1.16 45.04 -22.98
N ILE E 155 -2.21 45.63 -22.42
CA ILE E 155 -3.15 44.94 -21.59
C ILE E 155 -4.41 45.31 -22.37
N SER E 156 -5.36 44.40 -22.55
CA SER E 156 -6.58 44.72 -23.30
C SER E 156 -7.45 45.76 -22.59
N CYS E 157 -8.54 46.19 -23.23
CA CYS E 157 -9.41 47.19 -22.65
C CYS E 157 -10.12 46.58 -21.47
N ASN E 158 -10.45 45.29 -21.52
CA ASN E 158 -11.17 44.63 -20.44
C ASN E 158 -10.28 44.50 -19.25
N GLU E 159 -9.09 43.98 -19.50
CA GLU E 159 -8.08 43.84 -18.48
C GLU E 159 -7.77 45.17 -17.80
N ALA E 160 -7.53 46.23 -18.56
CA ALA E 160 -7.30 47.57 -17.99
C ALA E 160 -8.50 48.07 -17.20
N GLN E 161 -9.70 47.84 -17.73
CA GLN E 161 -10.93 48.19 -17.05
C GLN E 161 -11.08 47.45 -15.76
N ASN E 162 -10.70 46.18 -15.77
CA ASN E 162 -10.83 45.30 -14.62
C ASN E 162 -9.94 45.76 -13.53
N ARG E 163 -8.76 46.25 -13.88
CA ARG E 163 -7.82 46.76 -12.91
C ARG E 163 -8.32 48.03 -12.26
N ARG E 164 -9.00 48.80 -13.10
CA ARG E 164 -9.64 50.03 -12.68
C ARG E 164 -10.78 49.78 -11.73
N ARG E 165 -11.50 48.69 -11.94
CA ARG E 165 -12.60 48.31 -11.06
C ARG E 165 -12.10 47.84 -9.74
N LEU E 166 -10.99 47.08 -9.71
CA LEU E 166 -10.42 46.62 -8.47
C LEU E 166 -9.98 47.86 -7.72
N ARG E 167 -9.22 48.72 -8.39
CA ARG E 167 -8.75 49.97 -7.81
C ARG E 167 -9.81 50.89 -7.22
N SER E 168 -10.91 51.06 -7.94
CA SER E 168 -12.02 51.83 -7.48
C SER E 168 -12.70 51.22 -6.27
N ILE E 169 -12.90 49.90 -6.24
CA ILE E 169 -13.46 49.22 -5.08
C ILE E 169 -12.58 49.46 -3.87
N MET E 170 -11.27 49.46 -4.07
CA MET E 170 -10.34 49.63 -2.98
C MET E 170 -10.25 51.07 -2.52
N GLU E 171 -10.16 52.00 -3.46
CA GLU E 171 -10.12 53.42 -3.15
C GLU E 171 -11.39 53.89 -2.48
N ASN E 172 -12.56 53.41 -2.91
CA ASN E 172 -13.81 53.70 -2.20
C ASN E 172 -13.96 53.00 -0.86
N SER E 173 -12.98 52.21 -0.44
CA SER E 173 -13.09 51.42 0.78
C SER E 173 -11.97 51.74 1.73
N GLY E 174 -11.31 52.86 1.51
CA GLY E 174 -10.28 53.39 2.40
C GLY E 174 -8.87 53.03 2.06
N PHE E 175 -8.63 52.60 0.82
CA PHE E 175 -7.31 52.19 0.40
C PHE E 175 -6.69 53.15 -0.58
N GLU E 176 -5.37 53.02 -0.64
CA GLU E 176 -4.58 53.74 -1.59
C GLU E 176 -3.94 52.77 -2.54
N ALA E 177 -4.04 53.00 -3.85
CA ALA E 177 -3.45 52.10 -4.84
C ALA E 177 -1.98 52.38 -4.94
N TYR E 178 -1.32 51.59 -5.79
CA TYR E 178 0.09 51.77 -6.09
C TYR E 178 0.19 51.58 -7.57
N SER E 179 0.72 52.57 -8.27
CA SER E 179 0.78 52.55 -9.71
C SER E 179 1.51 51.38 -10.35
N LEU E 180 2.57 50.89 -9.73
CA LEU E 180 3.39 49.88 -10.35
C LEU E 180 2.86 48.47 -10.26
N GLU E 181 1.90 48.26 -9.37
CA GLU E 181 1.35 46.93 -9.09
C GLU E 181 -0.15 47.02 -8.95
N TRP E 182 -0.92 46.52 -9.90
CA TRP E 182 -2.35 46.63 -9.86
C TRP E 182 -3.02 45.92 -8.65
N TRP E 183 -2.29 45.02 -8.03
CA TRP E 183 -2.79 44.21 -6.94
C TRP E 183 -2.53 44.78 -5.56
N HIS E 184 -1.63 45.76 -5.48
CA HIS E 184 -1.22 46.32 -4.20
C HIS E 184 -2.07 47.49 -3.73
N TYR E 185 -2.46 47.41 -2.46
CA TYR E 185 -3.29 48.43 -1.83
C TYR E 185 -2.91 48.59 -0.37
N VAL E 186 -2.84 49.82 0.12
CA VAL E 186 -2.50 50.09 1.50
C VAL E 186 -3.67 50.87 2.02
N LEU E 187 -3.95 50.58 3.29
CA LEU E 187 -4.97 51.30 4.02
C LEU E 187 -4.50 52.75 4.15
N ARG E 188 -5.39 53.66 3.77
CA ARG E 188 -5.08 55.08 3.73
C ARG E 188 -4.66 55.65 5.10
N ASP E 189 -5.42 55.40 6.16
CA ASP E 189 -5.02 55.84 7.48
C ASP E 189 -4.90 54.54 8.23
N GLU E 190 -3.67 54.05 8.21
CA GLU E 190 -3.35 52.78 8.81
C GLU E 190 -2.88 52.99 10.23
N PRO E 191 -3.19 52.06 11.13
CA PRO E 191 -2.83 52.15 12.55
C PRO E 191 -1.37 52.22 12.87
N TYR E 192 -0.51 51.62 12.05
CA TYR E 192 0.92 51.56 12.34
C TYR E 192 1.78 51.88 11.13
N PRO E 193 1.79 53.15 10.69
CA PRO E 193 2.86 53.58 9.77
C PRO E 193 4.12 53.59 10.62
N ASN E 194 5.32 53.64 10.07
CA ASN E 194 6.56 53.63 10.87
C ASN E 194 6.78 52.37 11.75
N SER E 195 5.83 51.44 11.86
CA SER E 195 6.06 50.18 12.58
C SER E 195 6.15 49.01 11.60
N TYR E 196 7.31 48.37 11.49
CA TYR E 196 7.49 47.23 10.58
C TYR E 196 7.72 46.00 11.45
N PHE E 197 6.68 45.17 11.51
CA PHE E 197 6.68 44.00 12.38
C PHE E 197 7.42 42.77 11.83
N ASP E 198 7.74 41.87 12.76
CA ASP E 198 8.42 40.64 12.42
C ASP E 198 8.00 39.41 13.23
N PHE E 199 6.72 39.33 13.58
CA PHE E 199 6.17 38.14 14.16
C PHE E 199 5.73 37.29 12.95
N PRO E 200 5.80 35.95 13.07
CA PRO E 200 5.55 35.09 11.92
C PRO E 200 4.08 35.05 11.59
N VAL E 201 3.77 34.72 10.34
CA VAL E 201 2.40 34.46 9.93
C VAL E 201 2.21 32.99 10.33
N LYS E 202 1.52 32.89 11.46
CA LYS E 202 1.42 31.65 12.22
C LYS E 202 0.16 31.60 13.10
N MET F 1 21.17 79.73 -10.43
CA MET F 1 20.31 78.55 -10.26
C MET F 1 21.13 77.34 -9.80
N GLU F 2 20.64 76.71 -8.73
CA GLU F 2 21.28 75.53 -8.18
C GLU F 2 21.51 74.43 -9.20
N ILE F 3 22.55 73.64 -8.96
CA ILE F 3 22.91 72.56 -9.86
C ILE F 3 21.98 71.37 -9.70
N GLY F 4 21.55 70.90 -10.86
CA GLY F 4 20.63 69.77 -11.00
C GLY F 4 19.19 70.23 -11.05
N PHE F 5 19.00 71.53 -10.81
CA PHE F 5 17.67 72.14 -10.87
C PHE F 5 17.53 73.10 -12.04
N THR F 6 16.28 73.37 -12.40
CA THR F 6 15.96 74.25 -13.51
C THR F 6 14.61 74.89 -13.27
N PHE F 7 14.38 76.01 -13.96
CA PHE F 7 13.06 76.60 -14.04
C PHE F 7 12.33 75.67 -14.96
N LEU F 8 11.22 75.09 -14.54
CA LEU F 8 10.56 74.05 -15.31
C LEU F 8 10.07 74.42 -16.68
N ASP F 9 9.77 75.71 -16.84
CA ASP F 9 9.29 76.23 -18.11
C ASP F 9 10.40 76.32 -19.15
N GLU F 10 11.67 76.32 -18.75
CA GLU F 10 12.77 76.27 -19.68
C GLU F 10 12.99 74.88 -20.26
N ILE F 11 12.33 73.85 -19.73
CA ILE F 11 12.41 72.51 -20.29
C ILE F 11 11.04 72.16 -20.87
N VAL F 12 10.00 72.44 -20.08
CA VAL F 12 8.64 72.11 -20.47
C VAL F 12 8.10 73.41 -21.05
N HIS F 13 8.33 73.64 -22.35
CA HIS F 13 8.02 74.92 -22.94
C HIS F 13 6.65 75.57 -23.03
N GLY F 14 5.54 75.03 -23.50
CA GLY F 14 4.25 75.72 -23.52
C GLY F 14 3.49 75.62 -22.22
N VAL F 15 4.17 75.18 -21.15
CA VAL F 15 3.50 74.91 -19.91
C VAL F 15 3.01 76.19 -19.23
N ARG F 16 1.80 76.10 -18.70
CA ARG F 16 1.22 77.18 -17.93
C ARG F 16 1.69 77.10 -16.49
N TRP F 17 1.91 78.22 -15.82
CA TRP F 17 2.24 78.19 -14.43
C TRP F 17 1.79 79.43 -13.71
N ASP F 18 1.72 79.24 -12.40
CA ASP F 18 1.29 80.27 -11.50
C ASP F 18 1.90 79.85 -10.19
N ALA F 19 3.06 80.43 -9.88
CA ALA F 19 3.74 80.13 -8.65
C ALA F 19 3.05 80.79 -7.51
N LYS F 20 2.08 80.00 -7.06
CA LYS F 20 1.22 80.38 -5.99
C LYS F 20 1.87 80.94 -4.76
N TYR F 21 3.02 80.38 -4.40
CA TYR F 21 3.75 80.82 -3.23
C TYR F 21 4.69 81.99 -3.47
N ALA F 22 4.83 82.43 -4.71
CA ALA F 22 5.57 83.65 -5.03
C ALA F 22 4.61 84.86 -5.21
N THR F 23 3.39 84.55 -4.75
CA THR F 23 2.23 85.34 -5.04
C THR F 23 1.47 85.59 -3.72
N TRP F 24 0.52 86.52 -3.64
CA TRP F 24 -0.30 86.69 -2.45
C TRP F 24 -1.48 85.75 -2.45
N ASP F 25 -1.71 85.03 -3.55
CA ASP F 25 -2.83 84.16 -3.65
C ASP F 25 -2.52 82.76 -3.19
N ASN F 26 -2.17 82.63 -1.92
CA ASN F 26 -2.02 81.32 -1.31
C ASN F 26 -2.61 81.37 0.08
N PHE F 27 -2.64 80.26 0.81
CA PHE F 27 -3.27 80.25 2.12
C PHE F 27 -2.61 81.06 3.19
N THR F 28 -1.37 81.54 3.03
CA THR F 28 -0.74 82.38 4.02
C THR F 28 -1.10 83.84 3.76
N GLY F 29 -1.63 84.08 2.57
CA GLY F 29 -2.05 85.41 2.11
C GLY F 29 -0.96 86.35 1.59
N LYS F 30 0.30 85.96 1.77
CA LYS F 30 1.44 86.76 1.29
C LYS F 30 2.31 85.77 0.48
N PRO F 31 3.35 86.27 -0.23
CA PRO F 31 4.43 85.43 -0.76
C PRO F 31 5.13 84.68 0.35
N VAL F 32 5.48 83.44 0.05
CA VAL F 32 6.12 82.56 1.02
C VAL F 32 7.63 82.77 0.99
N ASP F 33 8.26 82.73 2.16
CA ASP F 33 9.72 82.89 2.25
C ASP F 33 10.40 81.81 1.41
N GLY F 34 11.34 82.25 0.60
CA GLY F 34 12.13 81.41 -0.28
C GLY F 34 11.69 81.45 -1.72
N TYR F 35 10.50 82.01 -1.96
CA TYR F 35 9.99 82.17 -3.31
C TYR F 35 10.15 83.64 -3.70
N GLU F 36 11.24 83.93 -4.40
CA GLU F 36 11.54 85.28 -4.80
C GLU F 36 11.20 85.54 -6.25
N VAL F 37 10.77 84.49 -6.93
CA VAL F 37 10.55 84.53 -8.36
C VAL F 37 9.22 83.85 -8.67
N ASN F 38 8.39 84.35 -9.59
CA ASN F 38 7.13 83.71 -9.92
C ASN F 38 7.42 82.72 -11.03
N ARG F 39 8.16 81.69 -10.63
CA ARG F 39 8.48 80.57 -11.49
C ARG F 39 8.43 79.29 -10.73
N ILE F 40 8.34 78.20 -11.49
CA ILE F 40 8.30 76.85 -10.92
C ILE F 40 9.67 76.29 -11.20
N VAL F 41 10.30 75.91 -10.10
CA VAL F 41 11.66 75.38 -10.13
C VAL F 41 11.49 73.93 -9.87
N GLY F 42 12.42 73.16 -10.40
CA GLY F 42 12.46 71.73 -10.22
C GLY F 42 13.72 71.07 -10.64
N THR F 43 13.82 69.82 -10.23
CA THR F 43 14.84 68.94 -10.61
C THR F 43 14.81 68.68 -12.14
N TYR F 44 15.92 68.49 -12.85
CA TYR F 44 15.89 68.21 -14.28
C TYR F 44 15.09 66.97 -14.62
N GLU F 45 15.12 66.00 -13.72
CA GLU F 45 14.37 64.77 -13.88
C GLU F 45 12.89 65.03 -13.76
N LEU F 46 12.49 65.93 -12.85
CA LEU F 46 11.09 66.36 -12.74
C LEU F 46 10.65 67.01 -14.02
N ALA F 47 11.49 67.93 -14.52
CA ALA F 47 11.24 68.62 -15.79
C ALA F 47 11.12 67.65 -16.96
N GLU F 48 12.07 66.70 -17.06
CA GLU F 48 12.00 65.63 -18.06
C GLU F 48 10.67 64.86 -18.05
N SER F 49 10.31 64.32 -16.89
CA SER F 49 9.05 63.60 -16.74
C SER F 49 7.85 64.48 -16.87
N LEU F 50 7.88 65.75 -16.48
CA LEU F 50 6.75 66.68 -16.73
C LEU F 50 6.56 66.96 -18.21
N LEU F 51 7.67 66.92 -18.95
CA LEU F 51 7.63 67.06 -20.38
C LEU F 51 6.95 65.86 -21.00
N LYS F 52 7.18 64.66 -20.47
CA LYS F 52 6.47 63.47 -20.93
C LYS F 52 5.01 63.56 -20.54
N ALA F 53 4.69 64.07 -19.35
CA ALA F 53 3.30 64.28 -18.92
C ALA F 53 2.61 65.28 -19.83
N LYS F 54 3.37 66.25 -20.32
CA LYS F 54 2.87 67.24 -21.29
C LYS F 54 2.67 66.57 -22.65
N GLU F 55 3.64 65.78 -23.11
CA GLU F 55 3.48 64.98 -24.34
C GLU F 55 2.90 63.65 -23.90
N LEU F 56 1.66 63.87 -23.44
CA LEU F 56 0.79 62.81 -23.02
C LEU F 56 -0.46 63.59 -22.75
N ALA F 57 -0.48 64.58 -21.87
CA ALA F 57 -1.68 65.37 -21.63
C ALA F 57 -2.18 65.95 -22.93
N ALA F 58 -1.24 66.37 -23.80
CA ALA F 58 -1.60 66.94 -25.11
C ALA F 58 -2.30 65.99 -26.07
N THR F 59 -1.86 64.74 -26.20
CA THR F 59 -2.57 63.72 -27.01
C THR F 59 -3.99 63.46 -26.48
N GLN F 60 -4.19 63.73 -25.19
CA GLN F 60 -5.50 63.58 -24.56
C GLN F 60 -6.36 64.84 -24.55
N GLY F 61 -5.86 65.94 -25.13
CA GLY F 61 -6.58 67.22 -25.23
C GLY F 61 -6.37 68.21 -24.07
N TYR F 62 -5.33 67.99 -23.28
CA TYR F 62 -5.11 68.73 -22.03
C TYR F 62 -3.81 69.47 -22.03
N GLY F 63 -3.70 70.52 -21.23
CA GLY F 63 -2.44 71.23 -20.99
C GLY F 63 -2.22 71.22 -19.51
N LEU F 64 -0.98 71.42 -19.07
CA LEU F 64 -0.67 71.42 -17.64
C LEU F 64 -0.56 72.82 -17.09
N LEU F 65 -1.06 73.03 -15.88
CA LEU F 65 -0.90 74.31 -15.18
C LEU F 65 -0.16 73.96 -13.92
N LEU F 66 1.05 74.47 -13.77
CA LEU F 66 1.90 74.14 -12.61
C LEU F 66 1.77 75.21 -11.57
N TRP F 67 1.71 74.77 -10.32
CA TRP F 67 1.50 75.65 -9.21
C TRP F 67 2.67 75.70 -8.24
N ASP F 68 3.39 74.59 -8.10
CA ASP F 68 4.52 74.54 -7.19
C ASP F 68 5.30 73.30 -7.50
N GLY F 69 6.62 73.47 -7.48
CA GLY F 69 7.59 72.42 -7.74
C GLY F 69 8.51 72.40 -6.57
N TYR F 70 9.78 72.71 -6.78
CA TYR F 70 10.74 72.79 -5.68
C TYR F 70 10.29 73.88 -4.70
N ARG F 71 10.32 73.50 -3.43
CA ARG F 71 9.92 74.36 -2.34
C ARG F 71 11.06 74.39 -1.33
N PRO F 72 11.61 75.57 -1.04
CA PRO F 72 12.72 75.68 -0.10
C PRO F 72 12.33 75.23 1.30
N LYS F 73 13.25 74.72 2.10
CA LYS F 73 12.93 74.34 3.48
C LYS F 73 12.40 75.52 4.24
N ARG F 74 12.92 76.72 3.99
CA ARG F 74 12.44 77.92 4.64
C ARG F 74 11.01 78.21 4.23
N ALA F 75 10.57 77.78 3.05
CA ALA F 75 9.18 77.93 2.66
C ALA F 75 8.30 77.05 3.54
N VAL F 76 8.83 75.85 3.79
CA VAL F 76 8.14 74.87 4.62
C VAL F 76 8.08 75.41 6.04
N ASN F 77 9.13 76.04 6.54
CA ASN F 77 9.13 76.62 7.87
C ASN F 77 8.17 77.77 7.95
N CYS F 78 8.11 78.55 6.86
CA CYS F 78 7.17 79.66 6.76
C CYS F 78 5.72 79.18 6.89
N PHE F 79 5.37 78.06 6.26
CA PHE F 79 4.05 77.48 6.40
C PHE F 79 3.73 77.02 7.82
N MET F 80 4.75 76.42 8.44
CA MET F 80 4.65 75.94 9.81
C MET F 80 4.50 77.09 10.75
N GLN F 81 5.27 78.17 10.57
CA GLN F 81 5.10 79.37 11.36
C GLN F 81 3.69 79.94 11.17
N TRP F 82 3.18 79.97 9.94
CA TRP F 82 1.88 80.50 9.68
C TRP F 82 0.83 79.67 10.35
N ALA F 83 0.98 78.35 10.37
CA ALA F 83 0.00 77.47 10.99
C ALA F 83 -0.05 77.67 12.49
N ALA F 84 1.05 78.16 13.06
CA ALA F 84 1.12 78.47 14.46
C ALA F 84 0.60 79.87 14.81
N GLN F 85 0.26 80.72 13.83
CA GLN F 85 -0.24 82.06 14.13
C GLN F 85 -1.72 82.01 14.48
N PRO F 86 -2.22 83.05 15.16
CA PRO F 86 -3.66 83.22 15.37
C PRO F 86 -4.46 83.41 14.10
N GLU F 87 -5.68 82.88 14.18
CA GLU F 87 -6.62 82.92 13.08
C GLU F 87 -7.27 84.27 12.82
N ASN F 88 -6.83 84.86 11.72
CA ASN F 88 -7.37 86.13 11.25
C ASN F 88 -8.52 85.99 10.26
N ASN F 89 -8.83 84.73 9.99
CA ASN F 89 -9.88 84.38 9.03
C ASN F 89 -9.79 84.90 7.60
N LEU F 90 -8.59 85.41 7.30
CA LEU F 90 -8.28 85.95 5.99
C LEU F 90 -8.42 84.96 4.84
N THR F 91 -7.87 83.75 4.99
CA THR F 91 -7.91 82.75 3.94
C THR F 91 -8.62 81.48 4.34
N LYS F 92 -9.27 81.49 5.51
CA LYS F 92 -9.93 80.29 6.03
C LYS F 92 -11.02 79.78 5.13
N GLU F 93 -11.99 80.60 4.73
CA GLU F 93 -13.06 80.16 3.84
C GLU F 93 -12.70 79.45 2.53
N SER F 94 -11.65 79.96 1.90
CA SER F 94 -11.22 79.46 0.63
C SER F 94 -10.29 78.27 0.69
N TYR F 95 -9.43 78.23 1.70
CA TYR F 95 -8.46 77.21 1.81
C TYR F 95 -8.67 76.22 2.92
N TYR F 96 -9.35 76.48 4.03
CA TYR F 96 -9.57 75.49 5.05
C TYR F 96 -10.75 75.82 5.92
N PRO F 97 -11.97 75.86 5.33
CA PRO F 97 -13.17 75.74 6.14
C PRO F 97 -13.17 74.28 6.65
N ASN F 98 -13.96 73.99 7.67
CA ASN F 98 -14.07 72.62 8.21
C ASN F 98 -12.87 72.09 8.98
N ILE F 99 -11.72 72.72 8.75
CA ILE F 99 -10.50 72.38 9.45
C ILE F 99 -9.85 73.67 10.04
N ASP F 100 -8.95 73.63 11.03
CA ASP F 100 -8.20 74.81 11.43
C ASP F 100 -6.70 74.62 11.22
N ARG F 101 -5.86 75.62 11.51
CA ARG F 101 -4.42 75.55 11.23
C ARG F 101 -3.72 74.46 11.98
N THR F 102 -4.19 74.12 13.17
CA THR F 102 -3.62 73.03 13.94
C THR F 102 -3.90 71.64 13.29
N GLU F 103 -5.10 71.44 12.75
CA GLU F 103 -5.45 70.22 12.07
C GLU F 103 -4.69 70.10 10.76
N MET F 104 -4.46 71.19 10.04
CA MET F 104 -3.65 71.17 8.83
C MET F 104 -2.33 70.40 8.87
N ILE F 105 -1.69 70.54 10.04
CA ILE F 105 -0.47 69.83 10.33
C ILE F 105 -0.78 68.36 10.63
N SER F 106 -1.63 68.09 11.62
CA SER F 106 -1.93 66.72 12.02
C SER F 106 -2.46 65.87 10.88
N LYS F 107 -3.43 66.43 10.17
CA LYS F 107 -3.96 65.82 8.97
C LYS F 107 -3.00 65.64 7.78
N GLY F 108 -1.79 66.22 7.80
CA GLY F 108 -0.78 66.08 6.75
C GLY F 108 -0.96 66.86 5.45
N TYR F 109 -1.58 68.05 5.55
CA TYR F 109 -1.69 68.96 4.40
C TYR F 109 -0.44 69.84 4.43
N VAL F 110 -0.15 70.34 5.63
CA VAL F 110 1.07 71.12 5.90
C VAL F 110 1.90 70.22 6.78
N ALA F 111 3.18 70.01 6.46
CA ALA F 111 4.03 69.20 7.29
C ALA F 111 5.37 69.86 7.52
N SER F 112 6.05 69.40 8.56
CA SER F 112 7.37 69.88 8.88
C SER F 112 8.45 69.55 7.84
N LYS F 113 8.17 68.59 6.97
CA LYS F 113 9.14 68.12 5.99
C LYS F 113 8.34 67.85 4.74
N SER F 114 8.76 68.42 3.61
CA SER F 114 8.04 68.24 2.36
C SER F 114 8.88 67.59 1.28
N SER F 115 8.22 66.72 0.53
CA SER F 115 8.80 66.10 -0.65
C SER F 115 9.21 67.10 -1.70
N HIS F 116 8.59 68.27 -1.62
CA HIS F 116 8.86 69.35 -2.53
C HIS F 116 10.26 69.89 -2.45
N SER F 117 10.76 69.93 -1.21
CA SER F 117 12.10 70.38 -0.95
C SER F 117 13.14 69.48 -1.57
N ARG F 118 12.77 68.27 -1.96
CA ARG F 118 13.67 67.38 -2.64
C ARG F 118 13.77 67.69 -4.13
N GLY F 119 12.88 68.53 -4.65
CA GLY F 119 12.92 69.02 -6.03
C GLY F 119 12.20 68.25 -7.08
N SER F 120 11.62 67.11 -6.72
CA SER F 120 10.91 66.26 -7.68
C SER F 120 9.42 66.03 -7.48
N ALA F 121 8.83 66.89 -6.66
CA ALA F 121 7.39 66.91 -6.48
C ALA F 121 6.81 68.13 -7.19
N ILE F 122 5.60 67.97 -7.72
CA ILE F 122 4.96 69.00 -8.48
C ILE F 122 3.45 69.10 -8.11
N ASP F 123 2.95 70.34 -8.12
CA ASP F 123 1.53 70.60 -8.01
C ASP F 123 0.97 71.13 -9.30
N LEU F 124 -0.08 70.53 -9.85
CA LEU F 124 -0.60 70.93 -11.14
C LEU F 124 -2.04 70.51 -11.38
N THR F 125 -2.62 71.14 -12.40
CA THR F 125 -3.91 70.70 -12.98
C THR F 125 -3.65 70.59 -14.46
N LEU F 126 -4.82 70.34 -15.01
CA LEU F 126 -5.02 70.28 -16.43
C LEU F 126 -5.92 71.44 -16.87
N TYR F 127 -5.74 71.95 -18.07
CA TYR F 127 -6.73 72.77 -18.68
C TYR F 127 -7.03 72.14 -20.02
N ARG F 128 -8.19 72.49 -20.56
CA ARG F 128 -8.60 72.04 -21.87
C ARG F 128 -7.77 72.74 -22.93
N LEU F 129 -7.16 72.00 -23.87
CA LEU F 129 -6.34 72.60 -24.90
C LEU F 129 -7.23 73.27 -25.95
N ASP F 130 -8.37 72.69 -26.29
CA ASP F 130 -9.27 73.29 -27.26
C ASP F 130 -9.96 74.59 -26.83
N THR F 131 -10.52 74.43 -25.63
CA THR F 131 -11.33 75.43 -25.01
C THR F 131 -10.49 76.48 -24.25
N GLY F 132 -9.31 76.07 -23.78
CA GLY F 132 -8.39 76.90 -23.02
C GLY F 132 -8.80 77.12 -21.56
N GLU F 133 -9.95 76.57 -21.17
CA GLU F 133 -10.42 76.66 -19.81
C GLU F 133 -9.87 75.62 -18.86
N LEU F 134 -9.91 75.93 -17.56
CA LEU F 134 -9.45 75.01 -16.55
C LEU F 134 -10.35 73.81 -16.44
N VAL F 135 -9.76 72.63 -16.32
CA VAL F 135 -10.51 71.38 -16.12
C VAL F 135 -10.99 71.42 -14.67
N PRO F 136 -12.32 71.36 -14.44
CA PRO F 136 -12.89 71.33 -13.09
C PRO F 136 -12.52 70.08 -12.29
N MET F 137 -12.00 70.34 -11.09
CA MET F 137 -11.52 69.29 -10.23
C MET F 137 -12.26 69.25 -8.91
N GLY F 138 -13.22 70.11 -8.62
CA GLY F 138 -14.05 70.03 -7.44
C GLY F 138 -13.54 70.76 -6.22
N SER F 139 -12.24 70.97 -6.18
CA SER F 139 -11.64 71.74 -5.12
C SER F 139 -10.49 72.54 -5.70
N ARG F 140 -10.15 73.63 -5.03
CA ARG F 140 -9.02 74.47 -5.43
C ARG F 140 -7.67 73.90 -4.97
N PHE F 141 -6.58 74.31 -5.61
CA PHE F 141 -5.24 74.06 -5.13
C PHE F 141 -5.12 74.52 -3.69
N ASP F 142 -4.55 73.63 -2.87
CA ASP F 142 -4.40 73.87 -1.44
C ASP F 142 -5.73 74.05 -0.72
N PHE F 143 -6.78 73.36 -1.17
CA PHE F 143 -8.04 73.40 -0.48
C PHE F 143 -7.95 72.69 0.86
N MET F 144 -7.13 71.73 1.29
CA MET F 144 -7.02 71.39 2.71
C MET F 144 -8.29 70.92 3.38
N ASP F 145 -8.87 69.95 2.68
CA ASP F 145 -10.15 69.40 3.06
C ASP F 145 -10.27 68.01 2.48
N GLU F 146 -11.19 67.20 3.01
CA GLU F 146 -11.41 65.86 2.51
C GLU F 146 -11.89 65.84 1.09
N ARG F 147 -12.41 66.99 0.70
CA ARG F 147 -12.82 67.24 -0.68
C ARG F 147 -11.65 67.15 -1.68
N SER F 148 -10.46 67.53 -1.23
CA SER F 148 -9.26 67.48 -2.05
C SER F 148 -8.67 66.09 -2.23
N HIS F 149 -9.13 65.12 -1.46
CA HIS F 149 -8.65 63.75 -1.57
C HIS F 149 -8.97 63.20 -2.92
N HIS F 150 -8.14 62.32 -3.48
CA HIS F 150 -8.42 61.73 -4.77
C HIS F 150 -9.71 60.92 -4.76
N ALA F 151 -9.85 60.16 -3.68
CA ALA F 151 -10.99 59.28 -3.52
C ALA F 151 -12.28 59.95 -3.02
N ALA F 152 -12.24 61.27 -2.84
CA ALA F 152 -13.35 62.01 -2.26
C ALA F 152 -14.67 61.92 -2.98
N ASN F 153 -15.68 61.90 -2.12
CA ASN F 153 -17.08 61.98 -2.55
C ASN F 153 -17.57 63.38 -2.20
N GLY F 154 -18.65 63.84 -2.83
CA GLY F 154 -19.12 65.23 -2.73
C GLY F 154 -18.51 66.02 -3.87
N ILE F 155 -17.95 65.29 -4.83
CA ILE F 155 -17.30 65.87 -5.96
C ILE F 155 -18.12 65.17 -7.04
N SER F 156 -18.46 65.84 -8.13
CA SER F 156 -19.27 65.25 -9.17
C SER F 156 -18.52 64.15 -9.92
N CYS F 157 -19.21 63.47 -10.84
CA CYS F 157 -18.61 62.38 -11.59
C CYS F 157 -17.55 62.90 -12.53
N ASN F 158 -17.80 64.08 -13.10
CA ASN F 158 -16.85 64.70 -14.03
C ASN F 158 -15.61 65.11 -13.24
N GLU F 159 -15.82 65.82 -12.15
CA GLU F 159 -14.73 66.27 -11.32
C GLU F 159 -13.90 65.09 -10.82
N ALA F 160 -14.51 64.01 -10.33
CA ALA F 160 -13.76 62.81 -9.92
C ALA F 160 -13.03 62.14 -11.09
N GLN F 161 -13.69 62.10 -12.23
CA GLN F 161 -13.08 61.57 -13.45
C GLN F 161 -11.91 62.42 -13.91
N ASN F 162 -12.04 63.73 -13.80
CA ASN F 162 -11.00 64.65 -14.19
C ASN F 162 -9.75 64.43 -13.35
N ARG F 163 -9.94 64.23 -12.05
CA ARG F 163 -8.83 63.99 -11.13
C ARG F 163 -8.13 62.69 -11.49
N ARG F 164 -8.94 61.71 -11.88
CA ARG F 164 -8.44 60.42 -12.32
C ARG F 164 -7.66 60.56 -13.60
N ARG F 165 -8.05 61.45 -14.51
CA ARG F 165 -7.30 61.68 -15.73
C ARG F 165 -5.98 62.36 -15.47
N LEU F 166 -5.94 63.31 -14.54
CA LEU F 166 -4.69 63.98 -14.17
C LEU F 166 -3.77 62.91 -13.62
N ARG F 167 -4.29 62.15 -12.67
CA ARG F 167 -3.53 61.10 -12.00
C ARG F 167 -2.94 60.08 -12.92
N SER F 168 -3.75 59.63 -13.89
CA SER F 168 -3.31 58.69 -14.90
C SER F 168 -2.23 59.25 -15.80
N ILE F 169 -2.36 60.50 -16.24
CA ILE F 169 -1.34 61.16 -17.04
C ILE F 169 -0.02 61.21 -16.27
N MET F 170 -0.10 61.55 -14.99
CA MET F 170 1.05 61.58 -14.13
C MET F 170 1.65 60.22 -13.82
N GLU F 171 0.83 59.22 -13.51
CA GLU F 171 1.34 57.89 -13.23
C GLU F 171 1.95 57.27 -14.45
N ASN F 172 1.37 57.48 -15.62
CA ASN F 172 1.94 57.02 -16.86
C ASN F 172 3.19 57.76 -17.26
N SER F 173 3.59 58.78 -16.50
CA SER F 173 4.69 59.64 -16.87
C SER F 173 5.77 59.63 -15.84
N GLY F 174 5.71 58.66 -14.95
CA GLY F 174 6.76 58.39 -13.96
C GLY F 174 6.52 58.96 -12.61
N PHE F 175 5.26 59.31 -12.33
CA PHE F 175 4.92 59.95 -11.06
C PHE F 175 4.08 59.07 -10.19
N GLU F 176 4.13 59.39 -8.90
CA GLU F 176 3.33 58.75 -7.93
C GLU F 176 2.34 59.77 -7.38
N ALA F 177 1.06 59.41 -7.27
CA ALA F 177 0.07 60.32 -6.74
C ALA F 177 0.13 60.33 -5.25
N TYR F 178 -0.78 61.09 -4.64
CA TYR F 178 -0.88 61.15 -3.20
C TYR F 178 -2.37 61.29 -3.01
N SER F 179 -2.89 60.38 -2.19
CA SER F 179 -4.31 60.31 -1.94
C SER F 179 -5.01 61.53 -1.41
N LEU F 180 -4.35 62.23 -0.50
CA LEU F 180 -4.96 63.37 0.16
C LEU F 180 -5.03 64.66 -0.60
N GLU F 181 -4.34 64.73 -1.73
CA GLU F 181 -4.31 65.93 -2.54
C GLU F 181 -4.27 65.55 -4.00
N TRP F 182 -5.32 65.85 -4.74
CA TRP F 182 -5.40 65.46 -6.12
C TRP F 182 -4.35 66.14 -7.02
N TRP F 183 -3.76 67.23 -6.53
CA TRP F 183 -2.79 67.98 -7.29
C TRP F 183 -1.32 67.61 -7.08
N HIS F 184 -1.06 66.82 -6.04
CA HIS F 184 0.30 66.45 -5.67
C HIS F 184 0.79 65.17 -6.34
N TYR F 185 2.00 65.29 -6.89
CA TYR F 185 2.66 64.19 -7.58
C TYR F 185 4.14 64.24 -7.34
N VAL F 186 4.74 63.07 -7.06
CA VAL F 186 6.17 62.99 -6.83
C VAL F 186 6.71 62.07 -7.89
N LEU F 187 7.92 62.40 -8.36
CA LEU F 187 8.61 61.57 -9.32
C LEU F 187 8.91 60.28 -8.60
N ARG F 188 8.61 59.17 -9.27
CA ARG F 188 8.75 57.86 -8.66
C ARG F 188 10.19 57.52 -8.26
N ASP F 189 11.13 57.71 -9.18
CA ASP F 189 12.53 57.46 -8.89
C ASP F 189 13.15 58.80 -9.10
N GLU F 190 13.16 59.52 -7.99
CA GLU F 190 13.66 60.88 -7.96
C GLU F 190 15.14 60.88 -7.60
N PRO F 191 15.90 61.83 -8.17
CA PRO F 191 17.34 61.90 -7.99
C PRO F 191 17.80 62.15 -6.57
N TYR F 192 17.00 62.84 -5.77
CA TYR F 192 17.39 63.21 -4.42
C TYR F 192 16.32 62.95 -3.37
N PRO F 193 16.00 61.67 -3.09
CA PRO F 193 15.23 61.39 -1.89
C PRO F 193 16.20 61.67 -0.74
N ASN F 194 15.76 61.82 0.51
CA ASN F 194 16.67 62.13 1.62
C ASN F 194 17.43 63.46 1.51
N SER F 195 17.34 64.22 0.41
CA SER F 195 17.93 65.55 0.32
C SER F 195 16.87 66.64 0.33
N TYR F 196 16.80 67.47 1.36
CA TYR F 196 15.80 68.53 1.42
C TYR F 196 16.52 69.87 1.30
N PHE F 197 16.37 70.50 0.14
CA PHE F 197 17.14 71.69 -0.17
C PHE F 197 16.57 72.99 0.37
N ASP F 198 17.42 74.01 0.43
CA ASP F 198 17.00 75.31 0.88
C ASP F 198 17.59 76.53 0.18
N PHE F 199 17.81 76.39 -1.12
CA PHE F 199 18.23 77.52 -1.94
C PHE F 199 16.92 78.13 -2.39
N PRO F 200 16.90 79.46 -2.58
CA PRO F 200 15.66 80.16 -2.89
C PRO F 200 15.20 79.90 -4.30
N VAL F 201 13.90 80.02 -4.53
CA VAL F 201 13.34 79.98 -5.86
C VAL F 201 13.57 81.39 -6.36
N LYS F 202 14.65 81.47 -7.13
CA LYS F 202 15.23 82.75 -7.55
C LYS F 202 16.02 82.63 -8.85
ZN ZN G . 2.80 -68.58 3.43
ZN ZN H . 5.55 -44.55 0.53
ZN ZN I . -5.20 -11.99 3.77
ZN ZN J . -7.40 11.35 -2.02
ZN ZN K . 1.55 44.44 -2.00
ZN ZN L . 2.47 69.04 -3.52
#